data_6Z14
#
_entry.id   6Z14
#
_cell.length_a   54.423
_cell.length_b   124.884
_cell.length_c   151.682
_cell.angle_alpha   90.000
_cell.angle_beta   90.000
_cell.angle_gamma   90.000
#
_symmetry.space_group_name_H-M   'P 21 21 21'
#
loop_
_entity.id
_entity.type
_entity.pdbx_description
1 polymer Beta-N-acetylhexosaminidase
2 non-polymer 'NITRATE ION'
3 non-polymer 2-[3-(2-HYDROXY-1,1-DIHYDROXYMETHYL-ETHYLAMINO)-PROPYLAMINO]-2-HYDROXYMETHYL-PROPANE-1,3-DIOL
4 non-polymer '[(3~{a}~{R},5~{R},6~{S},7~{R},7~{a}~{R})-2-methyl-6,7-bis(oxidanyl)-5,6,7,7~{a}-tetrahydro-3~{a}~{H}-pyrano[3,2-d][1,3]oxazol-1-ium-5-yl]methyl sulfate'
5 non-polymer 'SODIUM ION'
6 water water
#
_entity_poly.entity_id   1
_entity_poly.type   'polypeptide(L)'
_entity_poly.pdbx_seq_one_letter_code
;MQHNAEAAAAAESSTSTVSNLATMATVTASGREVSSGFGPELAADNQDLPDNPTDKSVHNASGASRWSADRGSGPWWLAY
EFPGEATISSVNIAWGNTYATNYSIQTSDDGSNWTDVKTGLKATAQAQWVKTTFDTPIKTRHIRMIATTKSQSWSLSVWE
MRTMGTISAVATDPLSRLTPRPLYAQSADGEAFELKKNTCVSVSDGSLLPAVDVMRDELGTSYGLKLAEGTNCPITFTLD
ENLDVTGHVGSAQSITADEAYTIVSDADSVTVKARSATAGIWAAQTLLQLIGPWTNSTVKLADVAFIPAVNIADAPRYQW
RGVLVDPARSFYPLDEMKQMIDVMSAYKMNTLHLHLSEDEGFRVEITNDGRADGDTTDYTQLAIKSGAISYQSAWTSNWS
PAQDGRTGYWTQSEFIELVAYAADHGIAIVPEIDGPGHSFSLLHGLAELNTGNSNPKPAAGEDTPAFIQSAQGRSSLATD
ADITYTVLGHIMDQLDGMIDKGIKASTMPASELKRMYFHLGGDQLFLSGGAGNKTERLQEYLGRSGALVKERDKTTIVWN
DGLDAVDQIPEGSVVQHWTGNAANNASIQKLLNQRNGKIIMSPAGNTYFPQRPGTETTGVTWACGACTTSNFYQWNPTSS
AGTTEDKVLGVEDALWSEHLRSLNDAEFLMYTRMMATAEVGWTQQNRKDYDNWNKRVGDIAIDLMNRGANFHKATEVTSW
KGSYAAVDAAEQKVTDGKVLVGRYAEPGLTGTDGLSFTATYTAEGGTAVNLPVTPDMKQTYSQQQLKNGRLVVNGAHMNS
IVDVYVTLPSDVLAADSEAVGRLDVSVSSSTYPIPSDSSMSIAIKDGKVTQTWTGDERPTPDPDPEPEVTVVSIKASTSQ
SDVKVGDTFDPSKVKVVATKSDKTTAVLAAADYTIAVTDKDGNAIDVTKPFEAAGDLTVTVALKDDGSIKDSFTMTVTDK
GAVDPDPDPTPKPNPDPQKPSGDNKPQIKPEGGKPGDVVAETLEHHHHHH
;
_entity_poly.pdbx_strand_id   JJJ
#
loop_
_chem_comp.id
_chem_comp.type
_chem_comp.name
_chem_comp.formula
B3P non-polymer 2-[3-(2-HYDROXY-1,1-DIHYDROXYMETHYL-ETHYLAMINO)-PROPYLAMINO]-2-HYDROXYMETHYL-PROPANE-1,3-DIOL 'C11 H26 N2 O6'
NA non-polymer 'SODIUM ION' 'Na 1'
NO3 non-polymer 'NITRATE ION' 'N O3 -1'
Q4Z non-polymer '[(3~{a}~{R},5~{R},6~{S},7~{R},7~{a}~{R})-2-methyl-6,7-bis(oxidanyl)-5,6,7,7~{a}-tetrahydro-3~{a}~{H}-pyrano[3,2-d][1,3]oxazol-1-ium-5-yl]methyl sulfate' 'C8 H13 N O8 S'
#
# COMPACT_ATOMS: atom_id res chain seq x y z
N ILE A 167 -5.50 21.82 29.00
CA ILE A 167 -5.20 20.47 28.40
C ILE A 167 -4.00 20.60 27.45
N SER A 168 -3.24 19.54 27.25
CA SER A 168 -1.94 19.55 26.52
C SER A 168 -1.78 18.26 25.71
N ALA A 169 -1.29 18.37 24.46
CA ALA A 169 -1.12 17.24 23.52
C ALA A 169 0.07 16.38 23.96
N VAL A 170 -0.15 15.06 24.03
CA VAL A 170 0.85 14.01 24.37
C VAL A 170 0.77 12.94 23.27
N ALA A 171 1.79 12.09 23.13
CA ALA A 171 1.69 10.86 22.30
C ALA A 171 0.53 10.01 22.82
N THR A 172 -0.26 9.39 21.95
CA THR A 172 -1.24 8.35 22.35
C THR A 172 -0.45 7.25 23.06
N ASP A 173 -1.07 6.53 24.00
CA ASP A 173 -0.53 5.26 24.52
C ASP A 173 -0.07 4.46 23.32
N PRO A 174 1.23 4.10 23.20
CA PRO A 174 1.72 3.45 21.99
C PRO A 174 0.93 2.21 21.55
N LEU A 175 0.49 1.37 22.49
CA LEU A 175 -0.28 0.14 22.09
C LEU A 175 -1.59 0.56 21.42
N SER A 176 -2.18 1.69 21.79
CA SER A 176 -3.47 2.17 21.25
C SER A 176 -3.37 2.48 19.76
N ARG A 177 -2.16 2.63 19.20
CA ARG A 177 -1.96 3.14 17.82
C ARG A 177 -2.12 1.99 16.82
N LEU A 178 -1.89 0.74 17.23
CA LEU A 178 -1.59 -0.37 16.30
C LEU A 178 -2.75 -0.62 15.33
N THR A 179 -2.43 -0.63 14.04
CA THR A 179 -3.38 -0.98 12.94
C THR A 179 -2.63 -1.81 11.93
N PRO A 180 -3.07 -3.06 11.60
CA PRO A 180 -4.25 -3.69 12.19
C PRO A 180 -4.15 -3.98 13.70
N ARG A 181 -5.29 -4.00 14.38
CA ARG A 181 -5.34 -4.38 15.81
C ARG A 181 -4.83 -5.82 15.94
N PRO A 182 -3.77 -6.06 16.73
CA PRO A 182 -3.20 -7.40 16.84
C PRO A 182 -4.14 -8.35 17.58
N LEU A 183 -3.90 -9.66 17.41
CA LEU A 183 -4.58 -10.76 18.15
C LEU A 183 -4.47 -10.54 19.67
N TYR A 184 -3.28 -10.19 20.19
CA TYR A 184 -3.05 -10.02 21.67
C TYR A 184 -1.97 -8.97 21.90
N ALA A 185 -2.27 -7.96 22.73
CA ALA A 185 -1.34 -6.85 23.00
C ALA A 185 -1.63 -6.25 24.38
N GLN A 186 -0.66 -6.34 25.28
CA GLN A 186 -0.78 -5.85 26.68
C GLN A 186 0.48 -5.06 27.04
N SER A 187 0.31 -3.99 27.81
CA SER A 187 1.43 -3.26 28.45
C SER A 187 2.15 -4.24 29.38
N ALA A 188 3.48 -4.30 29.30
CA ALA A 188 4.34 -5.00 30.29
C ALA A 188 4.79 -3.97 31.34
N ASP A 189 5.42 -4.45 32.42
CA ASP A 189 5.86 -3.59 33.55
C ASP A 189 7.06 -2.74 33.11
N GLY A 190 7.09 -1.50 33.59
CA GLY A 190 8.31 -0.68 33.72
C GLY A 190 8.53 0.24 32.54
N GLU A 191 9.75 0.75 32.44
CA GLU A 191 10.14 1.84 31.51
C GLU A 191 10.24 1.27 30.09
N ALA A 192 10.09 2.15 29.10
CA ALA A 192 10.27 1.83 27.67
C ALA A 192 11.76 1.61 27.37
N PHE A 193 12.04 0.90 26.29
CA PHE A 193 13.42 0.69 25.79
C PHE A 193 13.83 1.90 24.97
N GLU A 194 14.99 2.48 25.28
CA GLU A 194 15.51 3.64 24.55
C GLU A 194 16.43 3.17 23.43
N LEU A 195 16.13 3.56 22.19
CA LEU A 195 17.02 3.31 21.02
C LEU A 195 18.15 4.34 21.02
N LYS A 196 19.38 3.85 20.89
CA LYS A 196 20.61 4.66 20.81
C LYS A 196 21.11 4.58 19.36
N LYS A 197 21.87 5.59 18.94
CA LYS A 197 22.49 5.66 17.59
C LYS A 197 23.14 4.31 17.28
N ASN A 198 23.78 3.69 18.26
CA ASN A 198 24.57 2.44 18.04
C ASN A 198 23.82 1.18 18.49
N THR A 199 22.56 1.27 18.91
CA THR A 199 21.77 0.05 19.21
C THR A 199 21.88 -0.93 18.02
N CYS A 200 22.35 -2.16 18.28
CA CYS A 200 22.49 -3.23 17.25
C CYS A 200 21.26 -4.14 17.33
N VAL A 201 21.00 -4.90 16.26
CA VAL A 201 19.91 -5.93 16.21
C VAL A 201 20.57 -7.29 15.97
N SER A 202 20.16 -8.31 16.72
CA SER A 202 20.61 -9.71 16.50
C SER A 202 19.52 -10.47 15.77
N VAL A 203 19.92 -11.30 14.81
CA VAL A 203 18.99 -12.19 14.07
C VAL A 203 19.47 -13.63 14.24
N SER A 204 18.52 -14.56 14.41
CA SER A 204 18.84 -16.01 14.49
C SER A 204 19.16 -16.57 13.09
N ASP A 205 18.81 -15.85 12.04
CA ASP A 205 18.80 -16.34 10.64
C ASP A 205 18.89 -15.15 9.70
N GLY A 206 19.62 -15.30 8.59
CA GLY A 206 19.81 -14.24 7.58
C GLY A 206 18.49 -13.77 6.97
N SER A 207 17.49 -14.66 6.90
CA SER A 207 16.20 -14.36 6.25
C SER A 207 15.46 -13.26 7.04
N LEU A 208 15.91 -12.93 8.25
CA LEU A 208 15.26 -11.91 9.10
C LEU A 208 15.91 -10.54 8.90
N LEU A 209 17.03 -10.44 8.18
CA LEU A 209 17.65 -9.11 7.89
C LEU A 209 16.69 -8.19 7.14
N PRO A 210 15.82 -8.69 6.22
CA PRO A 210 14.88 -7.79 5.54
C PRO A 210 13.97 -7.01 6.50
N ALA A 211 13.58 -7.63 7.63
CA ALA A 211 12.76 -6.99 8.67
C ALA A 211 13.57 -5.84 9.30
N VAL A 212 14.83 -6.10 9.62
CA VAL A 212 15.74 -5.09 10.20
C VAL A 212 15.91 -3.95 9.18
N ASP A 213 16.04 -4.28 7.90
CA ASP A 213 16.19 -3.28 6.80
C ASP A 213 14.97 -2.34 6.74
N VAL A 214 13.76 -2.89 6.90
CA VAL A 214 12.52 -2.04 6.91
C VAL A 214 12.65 -1.02 8.06
N MET A 215 13.09 -1.48 9.22
CA MET A 215 13.29 -0.56 10.38
C MET A 215 14.36 0.49 10.06
N ARG A 216 15.53 0.07 9.58
CA ARG A 216 16.64 1.01 9.30
C ARG A 216 16.23 2.02 8.22
N ASP A 217 15.49 1.59 7.21
CA ASP A 217 15.05 2.46 6.09
C ASP A 217 14.26 3.68 6.63
N GLU A 218 13.48 3.52 7.69
CA GLU A 218 12.76 4.66 8.35
C GLU A 218 13.66 5.38 9.37
N LEU A 219 14.17 4.61 10.35
CA LEU A 219 14.80 5.14 11.59
C LEU A 219 16.20 5.68 11.32
N GLY A 220 16.87 5.26 10.25
CA GLY A 220 18.15 5.87 9.83
C GLY A 220 17.97 7.38 9.65
N THR A 221 16.92 7.80 8.97
CA THR A 221 16.69 9.21 8.58
C THR A 221 16.05 9.96 9.75
N SER A 222 15.02 9.37 10.37
CA SER A 222 14.19 10.06 11.39
C SER A 222 14.95 10.20 12.72
N TYR A 223 15.77 9.22 13.08
CA TYR A 223 16.42 9.17 14.40
C TYR A 223 17.92 8.92 14.29
N GLY A 224 18.50 8.86 13.10
CA GLY A 224 19.96 8.65 12.96
C GLY A 224 20.40 7.26 13.41
N LEU A 225 19.51 6.27 13.39
CA LEU A 225 19.81 4.91 13.92
C LEU A 225 20.52 4.08 12.86
N LYS A 226 21.66 3.48 13.24
CA LYS A 226 22.43 2.53 12.39
C LYS A 226 21.73 1.16 12.37
N LEU A 227 21.16 0.71 13.50
CA LEU A 227 20.60 -0.66 13.66
C LEU A 227 21.47 -1.68 12.93
N ALA A 228 22.78 -1.69 13.22
CA ALA A 228 23.72 -2.68 12.64
C ALA A 228 23.42 -4.08 13.20
N GLU A 229 23.57 -5.12 12.36
CA GLU A 229 23.49 -6.53 12.79
C GLU A 229 24.60 -6.78 13.81
N GLY A 230 24.30 -7.35 14.98
CA GLY A 230 25.37 -7.67 15.94
C GLY A 230 25.04 -8.93 16.71
N THR A 231 25.91 -9.33 17.63
CA THR A 231 25.74 -10.47 18.55
C THR A 231 25.39 -9.95 19.94
N ASN A 232 24.44 -10.60 20.59
CA ASN A 232 23.98 -10.30 21.97
C ASN A 232 23.45 -8.87 22.03
N CYS A 233 22.64 -8.51 21.04
CA CYS A 233 22.02 -7.17 20.92
C CYS A 233 20.76 -7.12 21.79
N PRO A 234 20.36 -5.91 22.24
CA PRO A 234 19.17 -5.77 23.08
C PRO A 234 17.90 -6.01 22.28
N ILE A 235 17.96 -5.80 20.95
CA ILE A 235 16.85 -6.11 20.00
C ILE A 235 17.21 -7.44 19.31
N THR A 236 16.36 -8.46 19.42
CA THR A 236 16.59 -9.78 18.79
C THR A 236 15.38 -10.16 17.94
N PHE A 237 15.64 -10.69 16.75
CA PHE A 237 14.66 -11.39 15.88
C PHE A 237 15.05 -12.85 15.81
N THR A 238 14.20 -13.74 16.31
CA THR A 238 14.42 -15.21 16.26
C THR A 238 13.38 -15.87 15.36
N LEU A 239 13.84 -16.71 14.44
CA LEU A 239 12.96 -17.50 13.54
C LEU A 239 12.57 -18.79 14.26
N ASP A 240 11.27 -19.04 14.40
CA ASP A 240 10.73 -20.23 15.08
C ASP A 240 9.57 -20.78 14.24
N GLU A 241 9.86 -21.76 13.38
CA GLU A 241 8.87 -22.37 12.49
C GLU A 241 7.74 -23.01 13.33
N ASN A 242 7.93 -23.18 14.63
CA ASN A 242 6.91 -23.82 15.51
C ASN A 242 6.29 -22.79 16.46
N LEU A 243 6.48 -21.49 16.22
CA LEU A 243 6.00 -20.45 17.14
C LEU A 243 4.50 -20.68 17.33
N ASP A 244 4.07 -20.74 18.59
CA ASP A 244 2.69 -21.15 18.96
C ASP A 244 2.03 -19.98 19.67
N VAL A 245 1.13 -19.28 18.96
CA VAL A 245 0.36 -18.14 19.53
C VAL A 245 -1.07 -18.61 19.83
N THR A 246 -1.34 -19.92 19.79
CA THR A 246 -2.72 -20.48 19.87
C THR A 246 -3.28 -20.29 21.29
N GLY A 247 -2.41 -20.10 22.29
CA GLY A 247 -2.80 -19.74 23.67
C GLY A 247 -3.64 -18.46 23.68
N HIS A 248 -3.54 -17.66 22.61
CA HIS A 248 -4.26 -16.37 22.44
C HIS A 248 -5.37 -16.50 21.37
N VAL A 249 -5.61 -17.69 20.83
CA VAL A 249 -6.69 -17.87 19.82
C VAL A 249 -7.85 -18.53 20.55
N GLY A 250 -8.95 -17.80 20.71
CA GLY A 250 -10.17 -18.30 21.38
C GLY A 250 -11.01 -19.13 20.43
N SER A 251 -12.10 -19.65 20.99
CA SER A 251 -13.12 -20.47 20.29
C SER A 251 -13.69 -19.71 19.08
N ALA A 252 -13.74 -18.37 19.17
CA ALA A 252 -14.38 -17.50 18.16
C ALA A 252 -13.34 -16.93 17.15
N GLN A 253 -12.10 -17.40 17.17
CA GLN A 253 -10.98 -16.78 16.43
C GLN A 253 -10.31 -17.80 15.50
N SER A 254 -9.61 -17.28 14.50
CA SER A 254 -8.99 -18.07 13.41
C SER A 254 -7.77 -17.28 12.91
N ILE A 255 -6.63 -17.97 12.76
CA ILE A 255 -5.38 -17.31 12.26
C ILE A 255 -4.78 -18.17 11.16
N THR A 256 -3.95 -17.55 10.33
CA THR A 256 -3.00 -18.25 9.45
C THR A 256 -1.63 -18.11 10.12
N ALA A 257 -1.19 -19.18 10.73
CA ALA A 257 -0.07 -19.18 11.71
C ALA A 257 1.26 -18.86 11.03
N ASP A 258 1.42 -19.09 9.71
CA ASP A 258 2.69 -18.89 8.94
C ASP A 258 3.18 -17.45 9.13
N GLU A 259 2.24 -16.52 9.38
CA GLU A 259 2.56 -15.08 9.52
C GLU A 259 2.55 -14.63 10.99
N ALA A 260 2.67 -15.54 11.96
CA ALA A 260 2.58 -15.22 13.40
C ALA A 260 3.90 -14.62 13.89
N TYR A 261 3.84 -13.73 14.87
CA TYR A 261 5.03 -13.17 15.56
C TYR A 261 4.64 -12.84 17.01
N THR A 262 5.66 -12.74 17.86
CA THR A 262 5.53 -12.21 19.24
C THR A 262 6.58 -11.14 19.45
N ILE A 263 6.24 -10.20 20.32
CA ILE A 263 7.14 -9.15 20.85
C ILE A 263 6.99 -9.15 22.35
N VAL A 264 8.12 -9.36 23.05
CA VAL A 264 8.22 -9.16 24.53
C VAL A 264 9.35 -8.16 24.74
N SER A 265 9.04 -7.00 25.33
CA SER A 265 10.00 -5.89 25.46
C SER A 265 9.95 -5.39 26.91
N ASP A 266 11.06 -4.84 27.38
CA ASP A 266 11.11 -4.11 28.67
C ASP A 266 12.18 -3.03 28.52
N ALA A 267 12.54 -2.35 29.61
CA ALA A 267 13.55 -1.26 29.57
C ALA A 267 14.86 -1.75 28.93
N ASP A 268 15.15 -3.06 28.98
CA ASP A 268 16.51 -3.62 28.70
C ASP A 268 16.59 -4.31 27.34
N SER A 269 15.47 -4.81 26.83
CA SER A 269 15.45 -5.70 25.64
C SER A 269 14.13 -5.60 24.90
N VAL A 270 14.19 -5.93 23.62
CA VAL A 270 13.03 -6.17 22.71
C VAL A 270 13.27 -7.51 22.02
N THR A 271 12.42 -8.48 22.33
CA THR A 271 12.57 -9.88 21.89
C THR A 271 11.45 -10.17 20.90
N VAL A 272 11.83 -10.39 19.65
CA VAL A 272 10.89 -10.79 18.58
C VAL A 272 11.08 -12.28 18.24
N LYS A 273 9.99 -13.02 18.15
CA LYS A 273 9.95 -14.35 17.51
C LYS A 273 9.04 -14.22 16.28
N ALA A 274 9.45 -14.79 15.16
CA ALA A 274 8.71 -14.78 13.88
C ALA A 274 8.62 -16.21 13.34
N ARG A 275 7.42 -16.64 12.92
CA ARG A 275 7.20 -18.00 12.38
C ARG A 275 7.81 -18.11 10.98
N SER A 276 7.99 -16.98 10.29
CA SER A 276 8.47 -16.87 8.88
C SER A 276 9.23 -15.56 8.67
N ALA A 277 9.94 -15.42 7.56
CA ALA A 277 10.66 -14.17 7.23
C ALA A 277 9.62 -13.07 7.06
N THR A 278 8.50 -13.36 6.43
CA THR A 278 7.39 -12.37 6.26
C THR A 278 6.90 -11.89 7.62
N ALA A 279 6.73 -12.78 8.60
CA ALA A 279 6.25 -12.45 9.96
C ALA A 279 7.25 -11.50 10.63
N GLY A 280 8.55 -11.69 10.35
CA GLY A 280 9.60 -10.74 10.77
C GLY A 280 9.27 -9.32 10.32
N ILE A 281 8.93 -9.14 9.05
CA ILE A 281 8.62 -7.79 8.52
C ILE A 281 7.37 -7.27 9.24
N TRP A 282 6.36 -8.11 9.49
CA TRP A 282 5.16 -7.68 10.23
C TRP A 282 5.54 -7.22 11.64
N ALA A 283 6.41 -7.96 12.33
CA ALA A 283 6.92 -7.54 13.65
C ALA A 283 7.58 -6.16 13.53
N ALA A 284 8.44 -5.96 12.54
CA ALA A 284 9.13 -4.68 12.29
C ALA A 284 8.11 -3.57 12.07
N GLN A 285 7.08 -3.79 11.28
CA GLN A 285 6.03 -2.77 11.02
C GLN A 285 5.33 -2.42 12.35
N THR A 286 5.05 -3.41 13.18
CA THR A 286 4.43 -3.20 14.51
C THR A 286 5.39 -2.37 15.37
N LEU A 287 6.68 -2.72 15.42
CA LEU A 287 7.64 -1.93 16.23
C LEU A 287 7.64 -0.48 15.75
N LEU A 288 7.61 -0.25 14.43
CA LEU A 288 7.67 1.14 13.90
C LEU A 288 6.40 1.90 14.27
N GLN A 289 5.24 1.25 14.32
CA GLN A 289 4.00 1.87 14.84
C GLN A 289 4.14 2.19 16.33
N LEU A 290 4.80 1.32 17.10
CA LEU A 290 4.93 1.53 18.57
C LEU A 290 5.86 2.73 18.82
N ILE A 291 6.88 2.91 17.97
CA ILE A 291 7.83 4.04 18.09
C ILE A 291 7.05 5.33 17.84
N GLY A 292 6.21 5.37 16.82
CA GLY A 292 5.19 6.41 16.64
C GLY A 292 5.12 6.92 15.21
N PRO A 293 4.20 7.87 14.97
CA PRO A 293 3.89 8.29 13.60
C PRO A 293 4.86 9.31 12.97
N TRP A 294 6.04 9.53 13.56
CA TRP A 294 7.08 10.39 12.96
C TRP A 294 8.26 9.56 12.46
N THR A 295 8.18 8.22 12.44
CA THR A 295 9.36 7.41 12.04
C THR A 295 9.71 7.61 10.55
N ASN A 296 8.77 8.05 9.72
CA ASN A 296 9.03 8.36 8.28
C ASN A 296 9.41 9.84 8.08
N SER A 297 9.77 10.55 9.16
CA SER A 297 10.29 11.94 9.04
C SER A 297 11.44 11.97 8.03
N THR A 298 11.38 12.94 7.11
CA THR A 298 12.43 13.15 6.08
C THR A 298 13.65 13.83 6.71
N VAL A 299 13.52 14.34 7.94
CA VAL A 299 14.60 15.04 8.68
C VAL A 299 14.80 14.34 10.02
N LYS A 300 16.04 14.36 10.51
CA LYS A 300 16.35 13.83 11.85
C LYS A 300 15.64 14.66 12.90
N LEU A 301 14.89 13.95 13.76
CA LEU A 301 14.14 14.51 14.90
C LEU A 301 15.05 14.64 16.13
N ALA A 302 14.67 15.51 17.06
CA ALA A 302 15.53 15.88 18.20
C ALA A 302 15.33 14.84 19.30
N ASP A 303 14.11 14.36 19.48
CA ASP A 303 13.76 13.32 20.49
C ASP A 303 14.55 12.04 20.20
N VAL A 304 14.68 11.19 21.20
CA VAL A 304 15.12 9.78 20.98
C VAL A 304 13.88 8.92 20.74
N ALA A 305 14.07 7.79 20.09
CA ALA A 305 13.01 6.79 19.81
C ALA A 305 12.93 5.80 20.97
N PHE A 306 11.72 5.44 21.35
CA PHE A 306 11.40 4.49 22.43
C PHE A 306 10.49 3.39 21.90
N ILE A 307 10.77 2.16 22.32
CA ILE A 307 9.85 1.00 22.19
C ILE A 307 9.27 0.72 23.57
N PRO A 308 7.94 0.82 23.71
CA PRO A 308 7.31 0.60 25.00
C PRO A 308 7.47 -0.86 25.42
N ALA A 309 7.42 -1.08 26.72
CA ALA A 309 7.40 -2.41 27.36
C ALA A 309 6.04 -3.02 27.05
N VAL A 310 6.02 -4.06 26.21
CA VAL A 310 4.76 -4.68 25.72
C VAL A 310 4.91 -6.20 25.68
N ASN A 311 3.77 -6.86 25.68
CA ASN A 311 3.64 -8.30 25.36
C ASN A 311 2.62 -8.40 24.23
N ILE A 312 3.06 -8.82 23.05
CA ILE A 312 2.25 -8.92 21.80
C ILE A 312 2.41 -10.33 21.24
N ALA A 313 1.29 -10.97 20.91
CA ALA A 313 1.22 -12.19 20.09
C ALA A 313 0.25 -11.89 18.96
N ASP A 314 0.67 -12.13 17.72
CA ASP A 314 -0.06 -11.62 16.55
C ASP A 314 0.04 -12.63 15.40
N ALA A 315 -1.01 -12.65 14.61
CA ALA A 315 -1.13 -13.45 13.37
C ALA A 315 -2.37 -12.93 12.67
N PRO A 316 -2.42 -12.98 11.32
CA PRO A 316 -3.55 -12.50 10.57
C PRO A 316 -4.67 -13.55 10.55
N ARG A 317 -5.90 -13.06 10.51
CA ARG A 317 -7.07 -13.90 10.22
C ARG A 317 -6.93 -14.51 8.82
N TYR A 318 -6.81 -13.70 7.78
CA TYR A 318 -6.80 -14.17 6.37
C TYR A 318 -5.37 -14.17 5.83
N GLN A 319 -5.05 -15.19 5.03
CA GLN A 319 -3.71 -15.35 4.44
C GLN A 319 -3.53 -14.43 3.23
N TRP A 320 -4.61 -13.90 2.65
CA TRP A 320 -4.60 -13.12 1.38
C TRP A 320 -5.13 -11.72 1.66
N ARG A 321 -4.25 -10.72 1.67
CA ARG A 321 -4.64 -9.35 2.06
C ARG A 321 -4.01 -8.39 1.05
N GLY A 322 -4.80 -7.97 0.07
CA GLY A 322 -4.25 -7.48 -1.20
C GLY A 322 -4.84 -6.17 -1.67
N VAL A 323 -4.14 -5.59 -2.64
CA VAL A 323 -4.61 -4.45 -3.47
C VAL A 323 -4.41 -4.84 -4.92
N LEU A 324 -5.48 -4.69 -5.71
CA LEU A 324 -5.41 -4.74 -7.17
C LEU A 324 -5.04 -3.33 -7.61
N VAL A 325 -4.00 -3.24 -8.42
CA VAL A 325 -3.66 -1.99 -9.15
C VAL A 325 -3.85 -2.24 -10.65
N ASP A 326 -4.54 -1.29 -11.27
CA ASP A 326 -4.85 -1.27 -12.73
C ASP A 326 -3.97 -0.23 -13.41
N PRO A 327 -2.77 -0.59 -13.88
CA PRO A 327 -1.99 0.32 -14.71
C PRO A 327 -2.44 0.29 -16.17
N ALA A 328 -3.26 -0.68 -16.54
CA ALA A 328 -3.71 -0.91 -17.93
C ALA A 328 -4.55 0.30 -18.44
N ARG A 329 -5.45 0.83 -17.62
CA ARG A 329 -6.27 2.02 -18.01
C ARG A 329 -5.35 3.23 -18.08
N SER A 330 -4.37 3.28 -17.19
CA SER A 330 -3.44 4.43 -16.99
C SER A 330 -2.22 3.94 -16.20
N PHE A 331 -1.07 4.02 -16.85
CA PHE A 331 0.21 3.51 -16.33
C PHE A 331 0.61 4.20 -15.02
N TYR A 332 1.27 3.44 -14.16
CA TYR A 332 1.96 3.97 -12.96
C TYR A 332 3.43 3.61 -13.11
N PRO A 333 4.33 4.61 -13.20
CA PRO A 333 5.77 4.36 -13.16
C PRO A 333 6.21 3.58 -11.92
N LEU A 334 7.29 2.81 -12.05
CA LEU A 334 7.87 1.96 -10.97
C LEU A 334 7.96 2.74 -9.65
N ASP A 335 8.44 3.99 -9.63
CA ASP A 335 8.66 4.76 -8.38
C ASP A 335 7.34 4.96 -7.65
N GLU A 336 6.24 5.12 -8.38
CA GLU A 336 4.89 5.26 -7.78
C GLU A 336 4.43 3.91 -7.22
N MET A 337 4.67 2.81 -7.95
CA MET A 337 4.33 1.47 -7.45
C MET A 337 5.09 1.22 -6.14
N LYS A 338 6.35 1.64 -6.01
CA LYS A 338 7.13 1.44 -4.77
C LYS A 338 6.45 2.19 -3.62
N GLN A 339 5.92 3.39 -3.87
CA GLN A 339 5.28 4.19 -2.80
C GLN A 339 4.00 3.50 -2.34
N MET A 340 3.24 2.87 -3.25
CA MET A 340 2.07 2.03 -2.87
C MET A 340 2.53 0.83 -2.02
N ILE A 341 3.58 0.11 -2.45
CA ILE A 341 4.10 -1.07 -1.71
C ILE A 341 4.48 -0.64 -0.27
N ASP A 342 5.13 0.50 -0.13
CA ASP A 342 5.57 1.03 1.20
C ASP A 342 4.38 1.06 2.15
N VAL A 343 3.25 1.63 1.72
CA VAL A 343 2.09 1.86 2.62
C VAL A 343 1.33 0.53 2.79
N MET A 344 1.25 -0.27 1.73
CA MET A 344 0.65 -1.63 1.82
C MET A 344 1.38 -2.43 2.89
N SER A 345 2.71 -2.45 2.84
CA SER A 345 3.55 -3.22 3.79
C SER A 345 3.36 -2.67 5.20
N ALA A 346 3.24 -1.35 5.34
CA ALA A 346 3.08 -0.69 6.65
C ALA A 346 1.84 -1.22 7.37
N TYR A 347 0.80 -1.63 6.64
CA TYR A 347 -0.46 -2.17 7.21
C TYR A 347 -0.61 -3.68 7.00
N LYS A 348 0.51 -4.37 6.78
CA LYS A 348 0.61 -5.85 6.73
C LYS A 348 -0.22 -6.43 5.58
N MET A 349 -0.40 -5.69 4.50
CA MET A 349 -0.92 -6.23 3.22
CA MET A 349 -0.93 -6.29 3.27
C MET A 349 0.19 -7.05 2.56
N ASN A 350 -0.11 -8.21 2.01
CA ASN A 350 0.94 -9.15 1.54
C ASN A 350 0.75 -9.50 0.07
N THR A 351 -0.18 -8.86 -0.64
CA THR A 351 -0.48 -9.25 -2.04
C THR A 351 -0.69 -8.00 -2.89
N LEU A 352 0.00 -7.95 -4.01
CA LEU A 352 -0.15 -6.87 -5.02
C LEU A 352 -0.61 -7.54 -6.31
N HIS A 353 -1.89 -7.38 -6.61
CA HIS A 353 -2.54 -8.00 -7.80
C HIS A 353 -2.43 -6.98 -8.94
N LEU A 354 -1.70 -7.33 -9.98
CA LEU A 354 -1.44 -6.42 -11.13
C LEU A 354 -2.36 -6.78 -12.29
N HIS A 355 -3.29 -5.87 -12.58
CA HIS A 355 -4.22 -5.95 -13.72
C HIS A 355 -3.48 -5.43 -14.96
N LEU A 356 -2.67 -6.30 -15.57
CA LEU A 356 -1.58 -5.93 -16.51
C LEU A 356 -2.12 -5.55 -17.89
N SER A 357 -3.32 -6.00 -18.25
CA SER A 357 -3.85 -5.93 -19.64
C SER A 357 -5.33 -5.60 -19.58
N GLU A 358 -5.78 -4.80 -20.55
CA GLU A 358 -7.18 -4.37 -20.64
C GLU A 358 -7.54 -4.05 -22.09
N ASP A 359 -8.74 -3.53 -22.29
CA ASP A 359 -9.13 -3.01 -23.62
C ASP A 359 -8.21 -1.83 -23.98
N GLU A 360 -7.61 -1.13 -23.00
CA GLU A 360 -6.97 0.19 -23.26
C GLU A 360 -5.45 0.15 -23.00
N GLY A 361 -4.82 -1.00 -22.75
CA GLY A 361 -3.36 -1.03 -22.60
C GLY A 361 -2.80 -2.36 -22.14
N PHE A 362 -1.51 -2.55 -22.38
CA PHE A 362 -0.71 -3.72 -21.91
C PHE A 362 0.57 -3.15 -21.29
N ARG A 363 0.91 -3.51 -20.05
CA ARG A 363 1.86 -2.67 -19.25
C ARG A 363 3.13 -3.41 -18.82
N VAL A 364 3.50 -4.52 -19.46
CA VAL A 364 4.81 -5.17 -19.18
C VAL A 364 5.39 -5.66 -20.51
N GLU A 365 6.71 -5.51 -20.63
CA GLU A 365 7.47 -6.02 -21.79
C GLU A 365 7.42 -7.55 -21.81
N ILE A 366 7.10 -8.11 -22.98
CA ILE A 366 7.21 -9.57 -23.28
C ILE A 366 8.24 -9.76 -24.40
N THR A 367 9.26 -10.59 -24.20
CA THR A 367 10.36 -10.83 -25.19
C THR A 367 10.11 -12.15 -25.94
N ASN A 368 11.00 -12.51 -26.87
CA ASN A 368 10.94 -13.74 -27.70
C ASN A 368 11.93 -14.77 -27.17
N ASP A 369 12.44 -14.57 -25.95
CA ASP A 369 13.31 -15.56 -25.27
C ASP A 369 12.43 -16.71 -24.80
N GLY A 370 12.85 -17.95 -25.03
CA GLY A 370 12.28 -19.16 -24.41
C GLY A 370 10.85 -19.46 -24.86
N ARG A 371 10.52 -19.13 -26.11
CA ARG A 371 9.24 -19.54 -26.74
C ARG A 371 9.21 -21.06 -26.89
N ALA A 372 8.01 -21.64 -26.85
CA ALA A 372 7.73 -23.07 -27.17
C ALA A 372 8.27 -23.39 -28.57
N ASP A 373 8.57 -24.66 -28.82
CA ASP A 373 9.07 -25.20 -30.12
C ASP A 373 8.18 -24.71 -31.25
N GLY A 374 8.76 -24.03 -32.25
CA GLY A 374 8.05 -23.64 -33.49
C GLY A 374 7.15 -22.42 -33.29
N ASP A 375 7.08 -21.86 -32.07
CA ASP A 375 6.32 -20.59 -31.84
C ASP A 375 7.16 -19.43 -32.39
N THR A 376 6.73 -18.83 -33.51
CA THR A 376 7.46 -17.72 -34.18
C THR A 376 6.71 -16.40 -34.01
N THR A 377 5.87 -16.33 -32.97
CA THR A 377 5.14 -15.10 -32.58
C THR A 377 6.20 -14.05 -32.21
N ASP A 378 5.96 -12.80 -32.58
CA ASP A 378 6.84 -11.67 -32.19
C ASP A 378 6.16 -10.95 -31.02
N TYR A 379 6.48 -11.38 -29.81
CA TYR A 379 5.88 -10.83 -28.56
C TYR A 379 6.29 -9.37 -28.37
N THR A 380 7.43 -8.93 -28.92
CA THR A 380 8.02 -7.57 -28.63
C THR A 380 7.03 -6.47 -29.05
N GLN A 381 6.14 -6.74 -30.01
CA GLN A 381 5.12 -5.77 -30.48
C GLN A 381 4.02 -5.55 -29.43
N LEU A 382 3.83 -6.45 -28.48
CA LEU A 382 2.75 -6.32 -27.46
C LEU A 382 2.97 -5.03 -26.66
N ALA A 383 4.11 -4.89 -25.97
CA ALA A 383 4.39 -3.67 -25.17
C ALA A 383 4.53 -2.48 -26.13
N ILE A 384 5.18 -2.67 -27.29
CA ILE A 384 5.50 -1.50 -28.17
C ILE A 384 4.20 -0.88 -28.70
N LYS A 385 3.22 -1.68 -29.14
CA LYS A 385 1.97 -1.15 -29.73
C LYS A 385 0.94 -0.83 -28.62
N SER A 386 0.70 -1.74 -27.67
CA SER A 386 -0.39 -1.58 -26.68
C SER A 386 0.12 -0.89 -25.39
N GLY A 387 1.44 -0.69 -25.23
CA GLY A 387 1.96 0.25 -24.24
C GLY A 387 1.58 1.67 -24.60
N ALA A 388 1.41 1.95 -25.90
CA ALA A 388 1.27 3.32 -26.45
C ALA A 388 -0.19 3.78 -26.47
N ILE A 389 -1.12 2.95 -26.00
CA ILE A 389 -2.56 3.32 -25.89
C ILE A 389 -2.93 3.43 -24.40
N SER A 390 -4.05 4.05 -24.11
CA SER A 390 -4.54 4.28 -22.73
C SER A 390 -6.02 4.66 -22.80
N TYR A 391 -6.67 4.72 -21.65
CA TYR A 391 -8.09 5.15 -21.53
C TYR A 391 -8.24 6.53 -22.16
N GLN A 392 -9.25 6.72 -23.01
CA GLN A 392 -9.42 7.97 -23.80
C GLN A 392 -10.47 8.88 -23.15
N SER A 393 -10.07 10.08 -22.73
CA SER A 393 -11.00 11.09 -22.14
C SER A 393 -12.15 11.38 -23.13
N ALA A 394 -11.85 11.44 -24.42
CA ALA A 394 -12.84 11.80 -25.49
C ALA A 394 -14.01 10.81 -25.56
N TRP A 395 -13.85 9.57 -25.07
CA TRP A 395 -14.91 8.53 -25.16
C TRP A 395 -15.75 8.54 -23.89
N THR A 396 -15.62 9.61 -23.09
CA THR A 396 -16.39 9.85 -21.84
C THR A 396 -17.16 11.14 -22.02
N SER A 397 -18.26 11.31 -21.31
CA SER A 397 -19.07 12.56 -21.32
C SER A 397 -19.43 12.94 -19.89
N ASN A 398 -18.57 12.54 -18.94
CA ASN A 398 -18.81 12.67 -17.49
C ASN A 398 -17.68 13.55 -16.90
N TRP A 399 -17.41 13.33 -15.62
CA TRP A 399 -16.46 14.11 -14.81
C TRP A 399 -15.03 13.54 -14.93
N SER A 400 -14.81 12.50 -15.75
CA SER A 400 -13.45 11.93 -15.96
C SER A 400 -12.49 13.06 -16.35
N PRO A 401 -11.23 13.07 -15.88
CA PRO A 401 -10.28 14.09 -16.29
C PRO A 401 -10.18 14.28 -17.81
N ALA A 402 -9.92 15.52 -18.25
CA ALA A 402 -9.69 15.85 -19.68
C ALA A 402 -8.47 15.09 -20.21
N GLN A 403 -7.53 14.72 -19.34
CA GLN A 403 -6.29 13.99 -19.68
C GLN A 403 -6.60 12.51 -19.96
N ASP A 404 -6.03 11.97 -21.03
CA ASP A 404 -6.06 10.51 -21.32
C ASP A 404 -5.25 9.77 -20.24
N GLY A 405 -5.46 8.46 -20.10
CA GLY A 405 -4.60 7.63 -19.26
C GLY A 405 -3.13 7.82 -19.60
N ARG A 406 -2.27 7.69 -18.62
CA ARG A 406 -0.81 7.67 -18.87
C ARG A 406 -0.46 6.43 -19.71
N THR A 407 0.35 6.60 -20.74
CA THR A 407 0.86 5.50 -21.59
C THR A 407 2.15 4.98 -20.96
N GLY A 408 2.68 3.89 -21.51
CA GLY A 408 3.94 3.29 -21.06
C GLY A 408 3.74 1.86 -20.61
N TYR A 409 4.82 1.25 -20.17
CA TYR A 409 4.89 -0.15 -19.70
C TYR A 409 6.16 -0.28 -18.89
N TRP A 410 6.17 -1.23 -17.95
CA TRP A 410 7.39 -1.65 -17.24
C TRP A 410 8.22 -2.52 -18.17
N THR A 411 9.50 -2.20 -18.33
CA THR A 411 10.46 -3.10 -19.00
C THR A 411 10.62 -4.31 -18.12
N GLN A 412 11.24 -5.37 -18.64
CA GLN A 412 11.46 -6.58 -17.82
C GLN A 412 12.30 -6.21 -16.58
N SER A 413 13.32 -5.37 -16.71
CA SER A 413 14.21 -5.05 -15.55
C SER A 413 13.44 -4.22 -14.52
N GLU A 414 12.56 -3.32 -14.98
CA GLU A 414 11.63 -2.55 -14.10
C GLU A 414 10.65 -3.50 -13.41
N PHE A 415 10.13 -4.48 -14.14
CA PHE A 415 9.12 -5.39 -13.56
C PHE A 415 9.82 -6.30 -12.55
N ILE A 416 11.05 -6.74 -12.87
CA ILE A 416 11.88 -7.56 -11.94
C ILE A 416 12.14 -6.74 -10.67
N GLU A 417 12.47 -5.45 -10.81
CA GLU A 417 12.70 -4.53 -9.66
C GLU A 417 11.42 -4.36 -8.84
N LEU A 418 10.27 -4.23 -9.51
CA LEU A 418 8.95 -4.12 -8.83
C LEU A 418 8.73 -5.37 -7.96
N VAL A 419 8.94 -6.56 -8.51
CA VAL A 419 8.78 -7.83 -7.75
C VAL A 419 9.76 -7.85 -6.56
N ALA A 420 11.03 -7.52 -6.79
CA ALA A 420 12.09 -7.56 -5.75
C ALA A 420 11.73 -6.60 -4.60
N TYR A 421 11.35 -5.38 -4.92
CA TYR A 421 10.97 -4.36 -3.91
C TYR A 421 9.73 -4.84 -3.12
N ALA A 422 8.72 -5.35 -3.84
CA ALA A 422 7.51 -5.91 -3.21
C ALA A 422 7.96 -7.04 -2.27
N ALA A 423 8.81 -7.96 -2.73
CA ALA A 423 9.26 -9.11 -1.92
C ALA A 423 9.94 -8.66 -0.61
N ASP A 424 10.82 -7.67 -0.69
CA ASP A 424 11.59 -7.14 0.47
C ASP A 424 10.68 -6.40 1.46
N HIS A 425 9.43 -6.13 1.07
CA HIS A 425 8.37 -5.59 1.94
C HIS A 425 7.28 -6.62 2.27
N GLY A 426 7.50 -7.92 1.97
CA GLY A 426 6.63 -9.03 2.38
C GLY A 426 5.41 -9.16 1.48
N ILE A 427 5.49 -8.60 0.27
CA ILE A 427 4.35 -8.54 -0.68
C ILE A 427 4.65 -9.39 -1.90
N ALA A 428 3.79 -10.38 -2.17
CA ALA A 428 3.87 -11.22 -3.37
C ALA A 428 3.12 -10.57 -4.54
N ILE A 429 3.62 -10.79 -5.75
CA ILE A 429 2.97 -10.33 -7.00
C ILE A 429 2.01 -11.39 -7.52
N VAL A 430 0.77 -10.99 -7.83
CA VAL A 430 -0.19 -11.87 -8.53
C VAL A 430 -0.57 -11.18 -9.84
N PRO A 431 -0.14 -11.74 -11.00
CA PRO A 431 -0.43 -11.19 -12.31
C PRO A 431 -1.82 -11.62 -12.80
N GLU A 432 -2.48 -10.70 -13.49
CA GLU A 432 -3.73 -10.96 -14.21
C GLU A 432 -3.56 -10.56 -15.67
N ILE A 433 -3.79 -11.52 -16.56
CA ILE A 433 -3.97 -11.28 -18.01
C ILE A 433 -5.42 -11.63 -18.35
N ASP A 434 -6.29 -10.63 -18.43
CA ASP A 434 -7.76 -10.82 -18.45
C ASP A 434 -8.16 -11.28 -19.86
N GLY A 435 -9.02 -12.30 -19.92
CA GLY A 435 -9.62 -12.86 -21.14
C GLY A 435 -10.83 -13.71 -20.78
N PRO A 436 -11.70 -14.07 -21.75
CA PRO A 436 -11.48 -13.74 -23.17
C PRO A 436 -11.84 -12.30 -23.54
N GLY A 437 -12.62 -11.61 -22.70
CA GLY A 437 -12.96 -10.19 -22.88
C GLY A 437 -11.92 -9.26 -22.23
N HIS A 438 -12.16 -7.95 -22.29
CA HIS A 438 -11.24 -6.94 -21.72
C HIS A 438 -9.82 -7.21 -22.25
N SER A 439 -9.73 -7.62 -23.51
CA SER A 439 -8.55 -8.25 -24.14
C SER A 439 -8.12 -7.49 -25.38
N PHE A 440 -8.68 -6.30 -25.61
CA PHE A 440 -8.42 -5.57 -26.88
C PHE A 440 -6.92 -5.28 -27.02
N SER A 441 -6.21 -4.96 -25.92
CA SER A 441 -4.75 -4.64 -25.97
C SER A 441 -3.99 -5.81 -26.60
N LEU A 442 -4.41 -7.04 -26.35
CA LEU A 442 -3.69 -8.23 -26.87
C LEU A 442 -3.89 -8.31 -28.39
N LEU A 443 -5.11 -8.07 -28.88
CA LEU A 443 -5.45 -8.12 -30.33
C LEU A 443 -4.75 -6.96 -31.03
N HIS A 444 -4.76 -5.79 -30.41
CA HIS A 444 -4.12 -4.57 -30.94
C HIS A 444 -2.60 -4.74 -30.98
N GLY A 445 -2.02 -5.51 -30.05
CA GLY A 445 -0.55 -5.63 -29.93
C GLY A 445 0.03 -6.75 -30.77
N LEU A 446 -0.70 -7.85 -30.93
CA LEU A 446 -0.20 -9.10 -31.57
C LEU A 446 -1.06 -9.44 -32.80
N ALA A 447 -0.52 -9.14 -33.98
CA ALA A 447 -1.10 -9.53 -35.30
C ALA A 447 -1.57 -10.99 -35.22
N GLU A 448 -0.75 -11.86 -34.63
CA GLU A 448 -0.95 -13.34 -34.61
C GLU A 448 -2.26 -13.71 -33.89
N LEU A 449 -2.76 -12.88 -32.95
CA LEU A 449 -3.98 -13.22 -32.15
C LEU A 449 -5.26 -12.94 -32.96
N ASN A 450 -5.15 -12.21 -34.06
CA ASN A 450 -6.32 -11.85 -34.93
C ASN A 450 -6.59 -12.99 -35.90
N THR A 451 -7.53 -13.87 -35.54
CA THR A 451 -7.72 -15.21 -36.16
C THR A 451 -9.01 -15.81 -35.58
N GLY A 452 -9.51 -16.90 -36.18
CA GLY A 452 -10.72 -17.61 -35.72
C GLY A 452 -11.81 -16.62 -35.33
N ASN A 453 -12.35 -16.73 -34.11
CA ASN A 453 -13.56 -15.97 -33.70
C ASN A 453 -13.17 -14.71 -32.90
N SER A 454 -11.92 -14.23 -33.00
CA SER A 454 -11.49 -12.93 -32.38
C SER A 454 -12.44 -11.82 -32.84
N ASN A 455 -12.62 -10.80 -31.99
CA ASN A 455 -13.51 -9.63 -32.23
C ASN A 455 -12.95 -8.41 -31.51
N PRO A 456 -12.97 -7.19 -32.10
CA PRO A 456 -13.33 -6.98 -33.50
C PRO A 456 -12.20 -7.42 -34.44
N LYS A 457 -12.50 -7.51 -35.74
CA LYS A 457 -11.52 -7.88 -36.79
C LYS A 457 -10.78 -6.63 -37.26
N PRO A 458 -9.48 -6.74 -37.64
CA PRO A 458 -8.82 -5.65 -38.34
C PRO A 458 -9.62 -5.29 -39.59
N ALA A 459 -9.52 -4.03 -40.01
CA ALA A 459 -10.17 -3.54 -41.25
C ALA A 459 -9.39 -4.00 -42.48
N ALA A 460 -9.83 -3.55 -43.66
CA ALA A 460 -9.22 -3.65 -45.01
C ALA A 460 -7.71 -3.91 -44.99
N GLY A 461 -7.30 -5.18 -45.06
CA GLY A 461 -5.88 -5.55 -45.21
C GLY A 461 -5.01 -4.93 -44.14
N GLU A 462 -5.48 -4.91 -42.89
CA GLU A 462 -4.69 -4.48 -41.70
C GLU A 462 -4.36 -5.73 -40.88
N ASP A 463 -3.26 -5.69 -40.12
CA ASP A 463 -2.76 -6.84 -39.32
C ASP A 463 -3.41 -6.83 -37.93
N THR A 464 -3.81 -5.66 -37.43
CA THR A 464 -4.33 -5.46 -36.05
C THR A 464 -5.51 -4.50 -36.10
N PRO A 465 -6.51 -4.70 -35.22
CA PRO A 465 -7.69 -3.82 -35.19
C PRO A 465 -7.30 -2.44 -34.63
N ALA A 466 -7.97 -1.40 -35.09
CA ALA A 466 -7.67 0.00 -34.70
C ALA A 466 -8.17 0.24 -33.27
N PHE A 467 -7.43 1.04 -32.51
CA PHE A 467 -7.83 1.48 -31.16
C PHE A 467 -8.82 2.64 -31.33
N ILE A 468 -10.12 2.31 -31.39
CA ILE A 468 -11.23 3.26 -31.67
C ILE A 468 -12.41 2.95 -30.73
N GLN A 469 -13.31 3.92 -30.57
CA GLN A 469 -14.34 3.90 -29.50
C GLN A 469 -15.23 2.65 -29.66
N SER A 470 -15.55 2.24 -30.91
CA SER A 470 -16.42 1.08 -31.21
C SER A 470 -15.80 -0.23 -30.69
N ALA A 471 -14.48 -0.30 -30.50
CA ALA A 471 -13.77 -1.50 -29.98
C ALA A 471 -14.09 -1.71 -28.49
N GLN A 472 -14.38 -0.63 -27.76
CA GLN A 472 -14.43 -0.62 -26.28
C GLN A 472 -15.58 -1.52 -25.82
N GLY A 473 -15.29 -2.55 -25.02
CA GLY A 473 -16.30 -3.50 -24.50
C GLY A 473 -16.84 -4.44 -25.57
N ARG A 474 -16.14 -4.56 -26.71
CA ARG A 474 -16.55 -5.44 -27.84
C ARG A 474 -15.41 -6.41 -28.20
N SER A 475 -14.46 -6.64 -27.28
CA SER A 475 -13.25 -7.47 -27.53
C SER A 475 -13.55 -8.94 -27.26
N SER A 476 -12.98 -9.84 -28.07
CA SER A 476 -12.84 -11.29 -27.76
C SER A 476 -11.52 -11.81 -28.31
N LEU A 477 -10.76 -12.54 -27.49
CA LEU A 477 -9.66 -13.41 -28.00
C LEU A 477 -10.28 -14.53 -28.84
N ALA A 478 -9.49 -15.14 -29.71
CA ALA A 478 -9.94 -16.28 -30.54
C ALA A 478 -10.00 -17.50 -29.63
N THR A 479 -11.18 -17.81 -29.08
CA THR A 479 -11.38 -18.91 -28.10
C THR A 479 -11.16 -20.26 -28.79
N ASP A 480 -11.31 -20.31 -30.13
CA ASP A 480 -11.23 -21.54 -30.96
C ASP A 480 -9.85 -21.73 -31.61
N ALA A 481 -8.86 -20.88 -31.36
CA ALA A 481 -7.56 -20.90 -32.10
C ALA A 481 -6.39 -21.27 -31.17
N ASP A 482 -5.56 -22.22 -31.61
CA ASP A 482 -4.38 -22.71 -30.84
C ASP A 482 -3.46 -21.55 -30.44
N ILE A 483 -3.26 -20.57 -31.33
CA ILE A 483 -2.30 -19.43 -31.15
C ILE A 483 -2.66 -18.64 -29.88
N THR A 484 -3.95 -18.47 -29.58
CA THR A 484 -4.41 -17.76 -28.36
C THR A 484 -3.68 -18.35 -27.15
N TYR A 485 -3.64 -19.68 -27.06
CA TYR A 485 -3.17 -20.43 -25.87
C TYR A 485 -1.65 -20.58 -25.91
N THR A 486 -1.05 -20.65 -27.11
CA THR A 486 0.42 -20.51 -27.30
C THR A 486 0.91 -19.18 -26.70
N VAL A 487 0.28 -18.09 -27.13
CA VAL A 487 0.55 -16.71 -26.66
C VAL A 487 0.34 -16.62 -25.15
N LEU A 488 -0.81 -17.06 -24.63
CA LEU A 488 -1.10 -16.99 -23.17
C LEU A 488 -0.02 -17.77 -22.40
N GLY A 489 0.32 -18.96 -22.88
CA GLY A 489 1.33 -19.82 -22.23
C GLY A 489 2.67 -19.12 -22.13
N HIS A 490 3.08 -18.41 -23.18
CA HIS A 490 4.39 -17.71 -23.24
C HIS A 490 4.39 -16.49 -22.32
N ILE A 491 3.27 -15.75 -22.28
CA ILE A 491 3.11 -14.57 -21.37
C ILE A 491 3.19 -15.06 -19.92
N MET A 492 2.53 -16.18 -19.62
CA MET A 492 2.56 -16.82 -18.28
C MET A 492 4.00 -17.23 -17.95
N ASP A 493 4.70 -17.87 -18.88
CA ASP A 493 6.12 -18.30 -18.72
C ASP A 493 7.01 -17.09 -18.44
N GLN A 494 6.80 -16.02 -19.17
CA GLN A 494 7.64 -14.80 -19.08
C GLN A 494 7.36 -14.09 -17.75
N LEU A 495 6.09 -13.93 -17.36
CA LEU A 495 5.77 -13.35 -16.04
C LEU A 495 6.38 -14.23 -14.96
N ASP A 496 6.37 -15.56 -15.12
CA ASP A 496 6.88 -16.48 -14.08
C ASP A 496 8.40 -16.25 -13.94
N GLY A 497 9.10 -16.11 -15.05
CA GLY A 497 10.55 -15.89 -15.11
C GLY A 497 10.95 -14.59 -14.43
N MET A 498 10.24 -13.50 -14.75
CA MET A 498 10.50 -12.17 -14.16
C MET A 498 10.22 -12.21 -12.65
N ILE A 499 9.14 -12.90 -12.24
CA ILE A 499 8.80 -13.04 -10.80
C ILE A 499 9.96 -13.80 -10.10
N ASP A 500 10.38 -14.95 -10.62
CA ASP A 500 11.51 -15.71 -10.03
C ASP A 500 12.78 -14.81 -9.93
N LYS A 501 13.06 -14.02 -10.96
CA LYS A 501 14.24 -13.13 -11.05
C LYS A 501 14.10 -12.01 -10.00
N GLY A 502 12.89 -11.47 -9.81
CA GLY A 502 12.59 -10.48 -8.78
C GLY A 502 12.84 -11.04 -7.40
N ILE A 503 12.39 -12.26 -7.13
CA ILE A 503 12.51 -12.86 -5.78
C ILE A 503 14.00 -13.20 -5.56
N LYS A 504 14.71 -13.62 -6.62
CA LYS A 504 16.18 -13.88 -6.55
C LYS A 504 16.91 -12.59 -6.17
N ALA A 505 16.50 -11.46 -6.74
CA ALA A 505 17.10 -10.13 -6.47
C ALA A 505 16.77 -9.67 -5.04
N SER A 506 15.66 -10.13 -4.43
CA SER A 506 15.31 -9.84 -3.00
C SER A 506 16.13 -10.73 -2.07
N THR A 507 16.11 -10.44 -0.78
CA THR A 507 16.74 -11.27 0.28
C THR A 507 15.66 -12.11 0.98
N MET A 508 14.48 -12.27 0.37
CA MET A 508 13.33 -13.01 0.96
C MET A 508 13.17 -14.37 0.27
N PRO A 509 12.70 -15.39 1.01
CA PRO A 509 12.65 -16.76 0.51
C PRO A 509 11.50 -17.02 -0.49
N ALA A 510 11.82 -17.69 -1.60
CA ALA A 510 10.85 -18.02 -2.68
C ALA A 510 9.70 -18.85 -2.11
N SER A 511 10.00 -19.74 -1.14
CA SER A 511 8.97 -20.57 -0.46
C SER A 511 7.85 -19.66 0.09
N GLU A 512 8.15 -18.44 0.55
CA GLU A 512 7.14 -17.50 1.10
C GLU A 512 6.62 -16.53 0.03
N LEU A 513 7.47 -16.06 -0.88
CA LEU A 513 7.11 -14.87 -1.72
C LEU A 513 6.66 -15.28 -3.14
N LYS A 514 6.88 -16.52 -3.53
CA LYS A 514 6.42 -17.00 -4.87
C LYS A 514 4.97 -17.48 -4.73
N ARG A 515 4.00 -16.67 -5.17
CA ARG A 515 2.55 -16.95 -5.02
C ARG A 515 2.11 -17.77 -6.22
N MET A 516 1.78 -19.06 -6.03
CA MET A 516 1.59 -20.02 -7.14
C MET A 516 0.13 -19.94 -7.60
N TYR A 517 -0.26 -18.74 -8.03
CA TYR A 517 -1.60 -18.39 -8.56
C TYR A 517 -1.40 -17.60 -9.84
N PHE A 518 -2.36 -17.73 -10.74
CA PHE A 518 -2.45 -16.91 -11.96
C PHE A 518 -3.90 -16.50 -12.17
N HIS A 519 -4.14 -15.20 -12.38
CA HIS A 519 -5.50 -14.63 -12.53
C HIS A 519 -5.80 -14.54 -14.03
N LEU A 520 -6.76 -15.34 -14.50
CA LEU A 520 -7.20 -15.39 -15.91
C LEU A 520 -8.30 -14.35 -16.15
N GLY A 521 -8.85 -13.75 -15.10
CA GLY A 521 -9.96 -12.80 -15.23
C GLY A 521 -11.29 -13.50 -15.52
N GLY A 522 -11.53 -13.93 -16.76
CA GLY A 522 -12.77 -14.63 -17.16
C GLY A 522 -13.91 -13.68 -17.47
N ASP A 523 -13.63 -12.41 -17.73
CA ASP A 523 -14.70 -11.44 -18.11
C ASP A 523 -15.29 -11.85 -19.47
N GLN A 524 -16.60 -11.67 -19.62
CA GLN A 524 -17.34 -12.18 -20.80
C GLN A 524 -16.79 -11.48 -22.05
N LEU A 525 -16.55 -12.26 -23.10
CA LEU A 525 -16.20 -11.74 -24.45
C LEU A 525 -17.46 -11.13 -25.05
N PHE A 526 -17.31 -10.32 -26.10
CA PHE A 526 -18.44 -9.79 -26.90
C PHE A 526 -18.66 -10.72 -28.09
N LEU A 527 -19.93 -10.98 -28.43
CA LEU A 527 -20.35 -11.87 -29.56
C LEU A 527 -20.66 -11.01 -30.78
N SER A 528 -20.09 -11.34 -31.93
CA SER A 528 -20.38 -10.64 -33.21
C SER A 528 -20.72 -11.67 -34.29
N GLY A 529 -19.92 -12.74 -34.42
CA GLY A 529 -20.11 -13.79 -35.43
C GLY A 529 -20.87 -14.98 -34.87
N GLY A 530 -20.95 -16.08 -35.63
CA GLY A 530 -21.68 -17.30 -35.25
C GLY A 530 -20.82 -18.56 -35.38
N ALA A 531 -19.92 -18.77 -34.42
CA ALA A 531 -19.02 -19.95 -34.30
C ALA A 531 -19.12 -20.52 -32.88
N GLY A 532 -20.27 -20.33 -32.22
CA GLY A 532 -20.49 -20.66 -30.79
C GLY A 532 -21.33 -19.59 -30.10
N ASN A 533 -21.79 -19.86 -28.89
CA ASN A 533 -22.46 -18.85 -28.02
C ASN A 533 -21.41 -18.33 -27.03
N LYS A 534 -21.65 -17.16 -26.44
CA LYS A 534 -20.78 -16.46 -25.46
C LYS A 534 -20.33 -17.43 -24.36
N THR A 535 -21.26 -18.15 -23.74
CA THR A 535 -20.99 -19.19 -22.72
C THR A 535 -20.03 -20.24 -23.30
N GLU A 536 -20.38 -20.90 -24.40
CA GLU A 536 -19.56 -22.03 -24.96
C GLU A 536 -18.13 -21.54 -25.18
N ARG A 537 -17.96 -20.33 -25.69
CA ARG A 537 -16.62 -19.77 -26.03
C ARG A 537 -15.83 -19.54 -24.75
N LEU A 538 -16.49 -19.00 -23.72
CA LEU A 538 -15.93 -18.81 -22.36
C LEU A 538 -15.54 -20.16 -21.77
N GLN A 539 -16.36 -21.19 -22.01
CA GLN A 539 -16.09 -22.54 -21.45
C GLN A 539 -14.85 -23.11 -22.16
N GLU A 540 -14.75 -22.93 -23.49
CA GLU A 540 -13.55 -23.30 -24.30
C GLU A 540 -12.30 -22.62 -23.72
N TYR A 541 -12.39 -21.29 -23.61
CA TYR A 541 -11.25 -20.39 -23.27
C TYR A 541 -10.73 -20.68 -21.85
N LEU A 542 -11.61 -20.79 -20.85
CA LEU A 542 -11.19 -20.99 -19.44
C LEU A 542 -10.84 -22.45 -19.18
N GLY A 543 -11.48 -23.40 -19.86
CA GLY A 543 -10.99 -24.79 -19.85
C GLY A 543 -9.53 -24.87 -20.31
N ARG A 544 -9.25 -24.28 -21.47
CA ARG A 544 -7.91 -24.38 -22.11
C ARG A 544 -6.89 -23.53 -21.35
N SER A 545 -7.24 -22.31 -20.98
N SER A 545 -7.26 -22.31 -21.00
CA SER A 545 -6.30 -21.40 -20.25
CA SER A 545 -6.38 -21.36 -20.25
C SER A 545 -6.14 -21.87 -18.81
C SER A 545 -6.15 -21.90 -18.84
N GLY A 546 -7.20 -22.42 -18.19
CA GLY A 546 -7.14 -23.10 -16.89
C GLY A 546 -6.13 -24.25 -16.93
N ALA A 547 -6.15 -25.06 -18.00
CA ALA A 547 -5.20 -26.18 -18.19
C ALA A 547 -3.75 -25.64 -18.21
N LEU A 548 -3.50 -24.47 -18.80
CA LEU A 548 -2.13 -23.87 -18.84
C LEU A 548 -1.66 -23.55 -17.41
N VAL A 549 -2.53 -22.97 -16.59
CA VAL A 549 -2.18 -22.58 -15.22
C VAL A 549 -1.85 -23.85 -14.42
N LYS A 550 -2.71 -24.86 -14.49
CA LYS A 550 -2.55 -26.13 -13.71
C LYS A 550 -1.21 -26.78 -14.10
N GLU A 551 -0.83 -26.75 -15.37
CA GLU A 551 0.38 -27.47 -15.83
C GLU A 551 1.61 -26.67 -15.37
N ARG A 552 1.44 -25.43 -14.93
CA ARG A 552 2.53 -24.65 -14.31
C ARG A 552 2.44 -24.70 -12.78
N ASP A 553 1.68 -25.66 -12.22
CA ASP A 553 1.63 -25.99 -10.77
C ASP A 553 1.04 -24.79 -10.01
N LYS A 554 0.15 -24.05 -10.68
CA LYS A 554 -0.50 -22.83 -10.11
C LYS A 554 -2.01 -23.06 -10.04
N THR A 555 -2.65 -22.30 -9.16
CA THR A 555 -4.09 -22.23 -8.93
C THR A 555 -4.64 -21.09 -9.78
N THR A 556 -5.72 -21.35 -10.50
CA THR A 556 -6.41 -20.37 -11.37
C THR A 556 -7.30 -19.46 -10.52
N ILE A 557 -7.30 -18.15 -10.81
CA ILE A 557 -8.31 -17.20 -10.25
C ILE A 557 -9.12 -16.65 -11.43
N VAL A 558 -10.45 -16.53 -11.25
CA VAL A 558 -11.35 -15.80 -12.20
C VAL A 558 -12.26 -14.89 -11.38
N TRP A 559 -12.70 -13.79 -12.00
CA TRP A 559 -13.83 -12.96 -11.51
C TRP A 559 -15.13 -13.76 -11.55
N ASN A 560 -16.19 -13.26 -10.92
CA ASN A 560 -17.56 -13.84 -10.96
C ASN A 560 -17.95 -14.38 -12.34
N ASP A 561 -17.74 -13.60 -13.42
CA ASP A 561 -18.14 -13.98 -14.81
C ASP A 561 -17.51 -15.31 -15.23
N GLY A 562 -16.30 -15.58 -14.74
CA GLY A 562 -15.57 -16.83 -15.07
C GLY A 562 -16.31 -18.08 -14.64
N LEU A 563 -17.24 -17.96 -13.69
CA LEU A 563 -17.95 -19.14 -13.11
C LEU A 563 -19.07 -19.65 -14.04
N ASP A 564 -19.32 -18.98 -15.17
CA ASP A 564 -20.04 -19.60 -16.32
C ASP A 564 -19.23 -20.79 -16.86
N ALA A 565 -17.96 -20.91 -16.46
CA ALA A 565 -17.07 -22.04 -16.78
C ALA A 565 -16.62 -22.77 -15.51
N VAL A 566 -17.44 -22.77 -14.45
CA VAL A 566 -17.05 -23.39 -13.14
C VAL A 566 -16.69 -24.87 -13.34
N ASP A 567 -17.35 -25.56 -14.26
CA ASP A 567 -17.12 -27.01 -14.54
C ASP A 567 -15.81 -27.21 -15.32
N GLN A 568 -15.38 -26.21 -16.11
CA GLN A 568 -14.25 -26.33 -17.08
C GLN A 568 -12.93 -25.95 -16.40
N ILE A 569 -12.92 -24.97 -15.49
CA ILE A 569 -11.68 -24.55 -14.80
C ILE A 569 -11.25 -25.69 -13.89
N PRO A 570 -9.94 -25.79 -13.56
CA PRO A 570 -9.48 -26.90 -12.71
C PRO A 570 -10.20 -26.95 -11.36
N GLU A 571 -10.31 -28.15 -10.81
CA GLU A 571 -10.69 -28.35 -9.39
C GLU A 571 -9.77 -27.47 -8.52
N GLY A 572 -10.30 -26.87 -7.46
CA GLY A 572 -9.50 -26.10 -6.49
C GLY A 572 -9.28 -24.68 -6.95
N SER A 573 -9.95 -24.26 -8.01
CA SER A 573 -9.84 -22.88 -8.55
C SER A 573 -10.48 -21.88 -7.58
N VAL A 574 -10.21 -20.60 -7.82
CA VAL A 574 -10.54 -19.48 -6.91
C VAL A 574 -11.39 -18.48 -7.68
N VAL A 575 -12.48 -18.03 -7.06
CA VAL A 575 -13.28 -16.89 -7.59
C VAL A 575 -12.89 -15.64 -6.80
N GLN A 576 -12.65 -14.54 -7.52
CA GLN A 576 -12.54 -13.20 -6.90
C GLN A 576 -13.90 -12.53 -7.07
N HIS A 577 -14.61 -12.40 -5.97
CA HIS A 577 -16.02 -11.95 -5.94
C HIS A 577 -16.06 -10.43 -5.85
N TRP A 578 -16.84 -9.78 -6.72
CA TRP A 578 -16.98 -8.31 -6.72
C TRP A 578 -18.43 -7.88 -6.92
N THR A 579 -19.25 -8.66 -7.61
CA THR A 579 -20.62 -8.23 -8.02
C THR A 579 -21.67 -9.14 -7.39
N GLY A 580 -22.62 -8.53 -6.67
CA GLY A 580 -23.78 -9.22 -6.08
C GLY A 580 -23.45 -9.89 -4.76
N ASN A 581 -24.37 -10.73 -4.31
CA ASN A 581 -24.35 -11.41 -2.99
C ASN A 581 -23.70 -12.78 -3.16
N ALA A 582 -22.47 -12.95 -2.69
CA ALA A 582 -21.71 -14.21 -2.86
C ALA A 582 -22.42 -15.36 -2.12
N ALA A 583 -22.97 -15.12 -0.94
CA ALA A 583 -23.61 -16.15 -0.08
C ALA A 583 -24.75 -16.84 -0.85
N ASN A 584 -25.42 -16.09 -1.73
CA ASN A 584 -26.66 -16.51 -2.44
C ASN A 584 -26.35 -16.89 -3.89
N ASN A 585 -25.08 -16.91 -4.28
CA ASN A 585 -24.64 -17.15 -5.67
C ASN A 585 -24.40 -18.65 -5.85
N ALA A 586 -25.26 -19.31 -6.63
CA ALA A 586 -25.25 -20.77 -6.86
C ALA A 586 -23.89 -21.17 -7.44
N SER A 587 -23.34 -20.38 -8.36
CA SER A 587 -22.06 -20.69 -9.06
C SER A 587 -20.92 -20.67 -8.05
N ILE A 588 -20.89 -19.65 -7.19
CA ILE A 588 -19.83 -19.54 -6.15
C ILE A 588 -19.97 -20.72 -5.20
N GLN A 589 -21.19 -20.99 -4.71
CA GLN A 589 -21.42 -22.03 -3.67
C GLN A 589 -21.06 -23.41 -4.26
N LYS A 590 -21.33 -23.64 -5.54
CA LYS A 590 -20.94 -24.89 -6.25
C LYS A 590 -19.41 -24.98 -6.34
N LEU A 591 -18.71 -23.90 -6.71
CA LEU A 591 -17.23 -23.91 -6.76
C LEU A 591 -16.69 -24.28 -5.38
N LEU A 592 -17.18 -23.62 -4.32
CA LEU A 592 -16.62 -23.80 -2.95
C LEU A 592 -16.97 -25.20 -2.44
N ASN A 593 -18.19 -25.65 -2.68
CA ASN A 593 -18.79 -26.82 -1.99
C ASN A 593 -18.52 -28.12 -2.75
N GLN A 594 -18.50 -28.08 -4.09
CA GLN A 594 -18.42 -29.29 -4.95
C GLN A 594 -17.09 -29.35 -5.72
N ARG A 595 -16.36 -28.24 -5.89
CA ARG A 595 -15.15 -28.25 -6.74
C ARG A 595 -13.92 -27.82 -5.92
N ASN A 596 -13.99 -27.94 -4.58
CA ASN A 596 -12.86 -27.70 -3.64
C ASN A 596 -12.27 -26.32 -3.89
N GLY A 597 -13.09 -25.33 -4.25
CA GLY A 597 -12.61 -23.99 -4.60
C GLY A 597 -12.48 -23.10 -3.40
N LYS A 598 -11.99 -21.89 -3.63
CA LYS A 598 -11.86 -20.88 -2.56
C LYS A 598 -12.24 -19.52 -3.12
N ILE A 599 -12.34 -18.54 -2.24
CA ILE A 599 -12.86 -17.20 -2.65
C ILE A 599 -11.92 -16.12 -2.12
N ILE A 600 -11.67 -15.14 -2.97
CA ILE A 600 -11.05 -13.83 -2.61
C ILE A 600 -12.18 -12.82 -2.69
N MET A 601 -12.39 -12.08 -1.61
CA MET A 601 -13.55 -11.16 -1.48
C MET A 601 -13.14 -9.74 -1.85
N SER A 602 -13.75 -9.21 -2.91
CA SER A 602 -13.60 -7.80 -3.33
C SER A 602 -14.99 -7.25 -3.67
N PRO A 603 -16.02 -7.42 -2.79
CA PRO A 603 -17.34 -6.86 -3.10
C PRO A 603 -17.17 -5.34 -3.31
N ALA A 604 -17.66 -4.80 -4.41
CA ALA A 604 -17.40 -3.40 -4.83
C ALA A 604 -17.73 -2.46 -3.67
N GLY A 605 -18.83 -2.71 -2.96
CA GLY A 605 -19.36 -1.84 -1.89
C GLY A 605 -18.46 -1.77 -0.67
N ASN A 606 -17.49 -2.67 -0.55
CA ASN A 606 -16.57 -2.73 0.62
C ASN A 606 -15.10 -2.56 0.21
N THR A 607 -14.78 -2.55 -1.08
CA THR A 607 -13.37 -2.70 -1.51
C THR A 607 -13.01 -1.92 -2.78
N TYR A 608 -13.95 -1.32 -3.51
CA TYR A 608 -13.62 -0.67 -4.81
C TYR A 608 -13.30 0.80 -4.59
N PHE A 609 -12.03 1.17 -4.73
CA PHE A 609 -11.52 2.54 -4.43
C PHE A 609 -12.20 3.58 -5.29
N PRO A 610 -12.58 3.36 -6.56
CA PRO A 610 -13.22 4.43 -7.32
C PRO A 610 -14.61 4.86 -6.79
N GLN A 611 -15.24 4.01 -5.99
CA GLN A 611 -16.51 4.37 -5.28
C GLN A 611 -16.20 5.59 -4.41
N ARG A 612 -16.94 6.68 -4.60
CA ARG A 612 -16.48 7.96 -4.02
C ARG A 612 -16.46 7.84 -2.49
N PRO A 613 -15.42 8.35 -1.81
CA PRO A 613 -15.29 8.12 -0.38
C PRO A 613 -16.11 9.03 0.53
N GLY A 614 -16.83 9.99 -0.07
CA GLY A 614 -17.66 10.95 0.67
C GLY A 614 -18.67 11.64 -0.21
N THR A 615 -19.73 12.15 0.40
CA THR A 615 -20.85 12.83 -0.31
C THR A 615 -20.39 14.19 -0.88
N GLU A 616 -19.26 14.74 -0.42
CA GLU A 616 -18.71 16.03 -0.95
C GLU A 616 -17.83 15.76 -2.18
N THR A 617 -17.48 14.49 -2.44
CA THR A 617 -16.48 14.11 -3.47
C THR A 617 -17.19 13.79 -4.79
N THR A 618 -16.44 13.81 -5.86
CA THR A 618 -16.83 13.42 -7.23
C THR A 618 -16.20 12.07 -7.50
N GLY A 619 -17.02 11.10 -7.85
CA GLY A 619 -16.54 9.74 -8.14
C GLY A 619 -17.69 8.81 -8.44
N VAL A 620 -17.42 7.51 -8.40
CA VAL A 620 -18.42 6.50 -8.82
C VAL A 620 -19.41 6.32 -7.67
N THR A 621 -20.70 6.28 -7.97
CA THR A 621 -21.77 6.32 -6.94
C THR A 621 -22.58 5.02 -6.84
N TRP A 622 -22.41 4.05 -7.76
CA TRP A 622 -23.42 2.96 -7.89
C TRP A 622 -23.37 2.02 -6.68
N ALA A 623 -22.22 1.80 -6.01
CA ALA A 623 -22.13 0.70 -5.02
C ALA A 623 -22.70 1.12 -3.66
N CYS A 624 -22.54 2.37 -3.22
CA CYS A 624 -23.00 2.84 -1.88
C CYS A 624 -23.56 4.27 -1.92
N GLY A 625 -23.50 4.96 -3.07
CA GLY A 625 -23.61 6.43 -3.11
C GLY A 625 -22.26 7.05 -2.79
N ALA A 626 -21.82 6.87 -1.54
CA ALA A 626 -20.42 7.06 -1.09
C ALA A 626 -20.01 5.87 -0.21
N CYS A 627 -18.96 5.12 -0.61
CA CYS A 627 -18.47 3.96 0.16
C CYS A 627 -17.39 4.52 1.09
N THR A 628 -17.70 4.71 2.36
CA THR A 628 -16.85 5.45 3.29
C THR A 628 -15.93 4.45 4.00
N THR A 629 -15.14 4.93 4.94
CA THR A 629 -14.35 4.06 5.84
C THR A 629 -15.31 3.07 6.52
N SER A 630 -16.53 3.49 6.82
CA SER A 630 -17.53 2.59 7.47
C SER A 630 -17.81 1.39 6.56
N ASN A 631 -18.09 1.63 5.27
CA ASN A 631 -18.36 0.56 4.28
C ASN A 631 -17.11 -0.32 4.12
N PHE A 632 -15.92 0.25 4.19
CA PHE A 632 -14.65 -0.51 4.00
C PHE A 632 -14.33 -1.34 5.26
N TYR A 633 -14.80 -0.90 6.43
CA TYR A 633 -14.51 -1.57 7.71
C TYR A 633 -15.61 -2.58 8.10
N GLN A 634 -16.88 -2.21 8.04
CA GLN A 634 -17.99 -2.91 8.75
C GLN A 634 -18.56 -3.98 7.82
N TRP A 635 -17.81 -5.09 7.70
CA TRP A 635 -18.26 -6.31 7.02
C TRP A 635 -17.40 -7.46 7.53
N ASN A 636 -17.86 -8.66 7.21
CA ASN A 636 -17.22 -9.91 7.63
C ASN A 636 -17.07 -10.70 6.35
N PRO A 637 -15.85 -10.81 5.76
CA PRO A 637 -15.73 -11.44 4.45
C PRO A 637 -16.27 -12.87 4.41
N THR A 638 -16.11 -13.62 5.49
CA THR A 638 -16.57 -15.03 5.55
C THR A 638 -18.09 -15.05 5.55
N SER A 639 -18.74 -14.19 6.34
CA SER A 639 -20.21 -14.04 6.36
C SER A 639 -20.72 -13.61 4.98
N SER A 640 -20.09 -12.60 4.38
CA SER A 640 -20.49 -12.05 3.05
C SER A 640 -20.36 -13.13 1.96
N ALA A 641 -19.39 -14.06 2.10
CA ALA A 641 -19.17 -15.17 1.14
C ALA A 641 -20.13 -16.33 1.42
N GLY A 642 -20.74 -16.35 2.62
CA GLY A 642 -21.67 -17.41 3.04
C GLY A 642 -20.98 -18.75 3.06
N THR A 643 -19.77 -18.81 3.61
CA THR A 643 -18.94 -20.03 3.59
C THR A 643 -18.23 -20.16 4.94
N THR A 644 -17.27 -21.08 5.04
CA THR A 644 -16.44 -21.35 6.24
C THR A 644 -15.09 -20.63 6.06
N GLU A 645 -14.43 -20.28 7.17
CA GLU A 645 -13.13 -19.56 7.21
C GLU A 645 -12.14 -20.18 6.20
N ASP A 646 -12.01 -21.51 6.22
CA ASP A 646 -10.98 -22.25 5.43
C ASP A 646 -11.18 -22.03 3.90
N LYS A 647 -12.38 -21.64 3.45
CA LYS A 647 -12.68 -21.43 2.01
C LYS A 647 -12.36 -19.98 1.60
N VAL A 648 -12.15 -19.08 2.56
CA VAL A 648 -11.89 -17.64 2.26
C VAL A 648 -10.38 -17.37 2.33
N LEU A 649 -9.74 -17.16 1.18
CA LEU A 649 -8.30 -16.79 1.12
C LEU A 649 -8.14 -15.43 1.78
N GLY A 650 -9.08 -14.53 1.49
CA GLY A 650 -9.13 -13.21 2.12
C GLY A 650 -9.72 -12.16 1.21
N VAL A 651 -9.08 -10.99 1.14
CA VAL A 651 -9.70 -9.74 0.62
C VAL A 651 -8.72 -9.04 -0.32
N GLU A 652 -9.24 -8.31 -1.31
CA GLU A 652 -8.45 -7.32 -2.08
C GLU A 652 -9.23 -6.03 -2.24
N ASP A 653 -8.59 -4.91 -1.99
CA ASP A 653 -9.08 -3.60 -2.50
C ASP A 653 -8.83 -3.57 -3.99
N ALA A 654 -9.55 -2.73 -4.73
CA ALA A 654 -9.34 -2.59 -6.19
C ALA A 654 -9.12 -1.11 -6.53
N LEU A 655 -7.98 -0.82 -7.14
CA LEU A 655 -7.68 0.51 -7.71
C LEU A 655 -7.79 0.45 -9.23
N TRP A 656 -9.00 0.69 -9.73
CA TRP A 656 -9.27 0.77 -11.18
C TRP A 656 -8.96 2.19 -11.64
N SER A 657 -8.37 2.36 -12.81
CA SER A 657 -7.75 3.64 -13.20
C SER A 657 -8.41 4.30 -14.42
N GLU A 658 -9.68 4.04 -14.72
CA GLU A 658 -10.40 4.80 -15.77
C GLU A 658 -10.16 6.31 -15.58
N HIS A 659 -10.23 6.79 -14.34
CA HIS A 659 -10.27 8.24 -14.03
C HIS A 659 -9.02 8.68 -13.29
N LEU A 660 -8.02 7.81 -13.12
CA LEU A 660 -6.82 8.12 -12.30
C LEU A 660 -5.63 8.40 -13.22
N ARG A 661 -4.92 9.50 -12.96
CA ARG A 661 -3.81 9.97 -13.83
C ARG A 661 -2.53 10.19 -13.01
N SER A 662 -2.59 10.00 -11.70
CA SER A 662 -1.45 10.32 -10.83
C SER A 662 -1.46 9.46 -9.59
N LEU A 663 -0.30 9.32 -8.96
CA LEU A 663 -0.28 8.67 -7.66
C LEU A 663 -1.07 9.50 -6.64
N ASN A 664 -0.93 10.82 -6.66
CA ASN A 664 -1.65 11.70 -5.71
C ASN A 664 -3.16 11.42 -5.75
N ASP A 665 -3.71 11.29 -6.96
CA ASP A 665 -5.17 11.09 -7.14
C ASP A 665 -5.55 9.66 -6.74
N ALA A 666 -4.67 8.69 -6.98
CA ALA A 666 -4.87 7.30 -6.51
C ALA A 666 -4.89 7.27 -4.97
N GLU A 667 -3.93 7.92 -4.30
CA GLU A 667 -3.80 7.92 -2.83
C GLU A 667 -5.01 8.61 -2.19
N PHE A 668 -5.54 9.64 -2.84
CA PHE A 668 -6.81 10.26 -2.39
C PHE A 668 -7.86 9.18 -2.18
N LEU A 669 -8.03 8.25 -3.12
CA LEU A 669 -9.07 7.18 -3.04
C LEU A 669 -8.60 6.03 -2.14
N MET A 670 -7.31 5.73 -2.15
CA MET A 670 -6.78 4.53 -1.44
C MET A 670 -6.84 4.77 0.08
N TYR A 671 -6.50 5.98 0.55
CA TYR A 671 -6.23 6.23 1.98
C TYR A 671 -7.28 7.20 2.52
N THR A 672 -7.86 6.91 3.69
CA THR A 672 -7.44 5.90 4.64
C THR A 672 -8.24 4.61 4.53
N ARG A 673 -9.12 4.47 3.53
CA ARG A 673 -9.98 3.27 3.41
C ARG A 673 -9.11 2.00 3.34
N MET A 674 -7.96 2.04 2.69
CA MET A 674 -7.12 0.81 2.61
C MET A 674 -6.77 0.31 4.04
N MET A 675 -6.58 1.21 5.00
CA MET A 675 -6.18 0.82 6.38
C MET A 675 -7.37 0.14 7.08
N ALA A 676 -8.60 0.39 6.63
CA ALA A 676 -9.78 -0.36 7.11
C ALA A 676 -9.71 -1.76 6.52
N THR A 677 -9.46 -1.89 5.22
CA THR A 677 -9.34 -3.22 4.56
C THR A 677 -8.20 -3.99 5.23
N ALA A 678 -7.09 -3.32 5.58
CA ALA A 678 -5.95 -4.01 6.18
C ALA A 678 -6.41 -4.65 7.51
N GLU A 679 -7.22 -3.93 8.28
CA GLU A 679 -7.78 -4.43 9.56
C GLU A 679 -8.76 -5.58 9.26
N VAL A 680 -9.59 -5.48 8.23
CA VAL A 680 -10.49 -6.59 7.82
C VAL A 680 -9.64 -7.83 7.48
N GLY A 681 -8.53 -7.67 6.76
CA GLY A 681 -7.72 -8.81 6.35
C GLY A 681 -7.06 -9.46 7.54
N TRP A 682 -6.71 -8.68 8.56
CA TRP A 682 -5.75 -9.11 9.62
C TRP A 682 -6.47 -9.39 10.95
N THR A 683 -7.30 -8.46 11.40
CA THR A 683 -7.83 -8.46 12.79
C THR A 683 -8.94 -9.52 12.93
N GLN A 684 -9.00 -10.17 14.08
CA GLN A 684 -10.10 -11.13 14.40
C GLN A 684 -11.45 -10.41 14.32
N GLN A 685 -12.45 -11.05 13.76
CA GLN A 685 -13.81 -10.46 13.71
C GLN A 685 -14.21 -9.93 15.10
N ASN A 686 -13.97 -10.67 16.18
CA ASN A 686 -14.47 -10.25 17.52
C ASN A 686 -13.54 -9.23 18.18
N ARG A 687 -12.47 -8.81 17.49
CA ARG A 687 -11.55 -7.73 17.94
C ARG A 687 -11.78 -6.47 17.10
N LYS A 688 -12.72 -6.51 16.14
CA LYS A 688 -13.05 -5.35 15.28
C LYS A 688 -13.95 -4.38 16.04
N ASP A 689 -13.72 -3.09 15.85
CA ASP A 689 -14.47 -2.00 16.51
C ASP A 689 -14.26 -0.75 15.64
N TYR A 690 -15.25 -0.41 14.83
CA TYR A 690 -15.12 0.71 13.87
C TYR A 690 -14.76 1.99 14.62
N ASP A 691 -15.40 2.29 15.76
CA ASP A 691 -15.17 3.57 16.46
C ASP A 691 -13.71 3.61 16.94
N ASN A 692 -13.18 2.48 17.39
CA ASN A 692 -11.78 2.36 17.86
C ASN A 692 -10.82 2.57 16.66
N TRP A 693 -11.13 1.96 15.51
CA TRP A 693 -10.34 2.13 14.26
C TRP A 693 -10.38 3.61 13.86
N ASN A 694 -11.55 4.21 13.87
CA ASN A 694 -11.74 5.64 13.54
C ASN A 694 -10.82 6.52 14.41
N LYS A 695 -10.76 6.26 15.73
CA LYS A 695 -9.91 7.01 16.68
C LYS A 695 -8.41 6.86 16.34
N ARG A 696 -7.99 5.77 15.70
CA ARG A 696 -6.57 5.55 15.31
C ARG A 696 -6.19 6.25 14.01
N VAL A 697 -7.15 6.80 13.28
CA VAL A 697 -6.86 7.38 11.95
C VAL A 697 -6.01 8.63 12.11
N GLY A 698 -6.18 9.42 13.18
CA GLY A 698 -5.40 10.65 13.38
C GLY A 698 -3.91 10.36 13.22
N ASP A 699 -3.40 9.34 13.92
CA ASP A 699 -1.96 8.98 13.89
C ASP A 699 -1.61 8.33 12.54
N ILE A 700 -2.53 7.58 11.94
CA ILE A 700 -2.30 7.04 10.56
C ILE A 700 -1.98 8.22 9.63
N ALA A 701 -2.77 9.29 9.70
CA ALA A 701 -2.63 10.48 8.84
C ALA A 701 -1.30 11.23 9.08
N ILE A 702 -0.86 11.32 10.34
CA ILE A 702 0.43 11.98 10.67
C ILE A 702 1.54 11.21 9.96
N ASP A 703 1.46 9.88 9.96
CA ASP A 703 2.49 9.06 9.25
C ASP A 703 2.34 9.22 7.73
N LEU A 704 1.14 9.32 7.19
CA LEU A 704 0.99 9.50 5.73
C LEU A 704 1.62 10.84 5.35
N MET A 705 1.39 11.87 6.17
CA MET A 705 1.92 13.21 5.84
C MET A 705 3.46 13.12 5.82
N ASN A 706 4.05 12.39 6.77
CA ASN A 706 5.52 12.17 6.83
C ASN A 706 6.00 11.44 5.58
N ARG A 707 5.28 10.44 5.10
CA ARG A 707 5.64 9.72 3.83
C ARG A 707 5.40 10.57 2.59
N GLY A 708 4.65 11.66 2.68
CA GLY A 708 4.23 12.46 1.51
C GLY A 708 3.10 11.80 0.73
N ALA A 709 2.31 10.95 1.39
CA ALA A 709 1.20 10.22 0.75
C ALA A 709 -0.07 11.07 0.91
N ASN A 710 -0.83 11.21 -0.16
CA ASN A 710 -2.13 11.90 -0.12
C ASN A 710 -3.17 11.02 0.57
N PHE A 711 -4.27 11.62 0.99
CA PHE A 711 -5.41 10.88 1.57
C PHE A 711 -6.62 11.79 1.58
N HIS A 712 -7.78 11.15 1.53
CA HIS A 712 -9.09 11.83 1.67
C HIS A 712 -9.32 12.23 3.13
N LYS A 713 -9.57 13.51 3.39
CA LYS A 713 -9.88 13.95 4.78
C LYS A 713 -11.38 13.72 5.04
N ALA A 714 -11.75 12.45 5.20
CA ALA A 714 -13.14 12.00 5.35
C ALA A 714 -13.81 12.69 6.54
N THR A 715 -15.04 13.14 6.37
CA THR A 715 -15.82 13.85 7.42
C THR A 715 -16.15 12.89 8.58
N GLU A 716 -16.34 11.59 8.33
CA GLU A 716 -16.76 10.62 9.39
C GLU A 716 -15.59 10.31 10.32
N VAL A 717 -14.39 10.69 9.94
CA VAL A 717 -13.20 10.50 10.83
C VAL A 717 -13.20 11.61 11.89
N THR A 718 -13.19 11.20 13.16
CA THR A 718 -13.39 12.01 14.38
C THR A 718 -12.04 12.33 15.03
N SER A 719 -10.92 11.84 14.47
CA SER A 719 -9.61 11.84 15.17
C SER A 719 -8.55 12.66 14.42
N TRP A 720 -8.91 13.41 13.39
CA TRP A 720 -7.91 14.30 12.73
C TRP A 720 -7.26 15.14 13.82
N LYS A 721 -5.94 15.15 13.88
CA LYS A 721 -5.20 15.88 14.96
C LYS A 721 -3.95 16.56 14.41
N GLY A 722 -3.52 17.60 15.10
CA GLY A 722 -2.21 18.21 14.95
C GLY A 722 -1.21 17.51 15.85
N SER A 723 0.03 17.40 15.39
CA SER A 723 1.15 16.84 16.16
C SER A 723 2.41 17.66 15.88
N TYR A 724 3.19 17.91 16.91
CA TYR A 724 4.45 18.66 16.81
C TYR A 724 5.59 17.72 17.12
N ALA A 725 6.66 17.81 16.36
CA ALA A 725 7.92 17.09 16.64
C ALA A 725 9.08 18.08 16.54
N ALA A 726 9.93 18.10 17.56
CA ALA A 726 11.19 18.87 17.57
C ALA A 726 12.12 18.26 16.52
N VAL A 727 12.78 19.13 15.78
CA VAL A 727 13.74 18.75 14.72
C VAL A 727 15.14 18.90 15.31
N ASP A 728 16.03 17.99 14.94
CA ASP A 728 17.46 18.08 15.35
C ASP A 728 18.15 19.18 14.52
N ALA A 729 18.15 20.40 15.05
CA ALA A 729 18.69 21.59 14.36
C ALA A 729 20.20 21.44 14.13
N ALA A 730 20.86 20.46 14.77
CA ALA A 730 22.30 20.22 14.56
C ALA A 730 22.54 19.81 13.10
N GLU A 731 21.54 19.25 12.43
CA GLU A 731 21.66 18.82 11.01
C GLU A 731 20.94 19.84 10.11
N GLN A 732 20.65 21.04 10.60
CA GLN A 732 19.95 22.08 9.79
C GLN A 732 20.85 23.32 9.67
N LYS A 733 20.81 24.00 8.53
CA LYS A 733 21.60 25.22 8.26
C LYS A 733 20.90 26.42 8.91
N VAL A 734 21.70 27.26 9.55
CA VAL A 734 21.28 28.62 10.02
C VAL A 734 21.45 29.58 8.83
N THR A 735 20.35 30.17 8.35
CA THR A 735 20.32 31.14 7.23
C THR A 735 19.77 32.46 7.76
N ASP A 736 20.57 33.53 7.72
CA ASP A 736 20.20 34.86 8.27
C ASP A 736 19.58 34.68 9.65
N GLY A 737 20.22 33.87 10.51
CA GLY A 737 19.82 33.67 11.91
C GLY A 737 18.67 32.70 12.10
N LYS A 738 18.07 32.21 11.00
CA LYS A 738 16.85 31.38 10.98
C LYS A 738 17.28 29.91 10.91
N VAL A 739 16.71 29.07 11.76
CA VAL A 739 16.98 27.60 11.70
C VAL A 739 15.70 26.82 11.97
N LEU A 740 15.61 25.65 11.33
CA LEU A 740 14.47 24.73 11.45
C LEU A 740 14.59 23.99 12.78
N VAL A 741 13.59 24.11 13.64
CA VAL A 741 13.63 23.54 15.02
C VAL A 741 12.43 22.62 15.24
N GLY A 742 11.43 22.66 14.36
CA GLY A 742 10.21 21.89 14.61
C GLY A 742 9.44 21.61 13.34
N ARG A 743 8.51 20.67 13.44
CA ARG A 743 7.56 20.33 12.37
C ARG A 743 6.21 20.13 13.03
N TYR A 744 5.18 20.61 12.34
CA TYR A 744 3.81 20.58 12.84
C TYR A 744 2.95 20.01 11.72
N ALA A 745 2.48 18.79 11.96
CA ALA A 745 1.62 18.03 11.05
C ALA A 745 0.18 18.15 11.52
N GLU A 746 -0.70 18.65 10.65
CA GLU A 746 -2.16 18.73 10.92
C GLU A 746 -2.86 18.71 9.58
N PRO A 747 -3.64 17.64 9.27
CA PRO A 747 -4.37 17.53 8.03
C PRO A 747 -5.39 18.66 7.95
N GLY A 748 -5.46 19.30 6.79
CA GLY A 748 -6.56 20.21 6.43
C GLY A 748 -6.19 21.68 6.51
N LEU A 749 -4.96 22.03 6.89
CA LEU A 749 -4.57 23.46 7.00
C LEU A 749 -4.62 24.15 5.62
N THR A 750 -5.30 25.30 5.51
CA THR A 750 -5.39 26.10 4.24
C THR A 750 -4.35 27.22 4.24
N GLY A 751 -3.58 27.29 5.31
CA GLY A 751 -2.53 28.30 5.54
C GLY A 751 -1.99 28.15 6.94
N THR A 752 -1.10 29.03 7.37
CA THR A 752 -0.47 28.94 8.71
C THR A 752 -1.10 29.99 9.63
N ASP A 753 -1.96 30.87 9.13
CA ASP A 753 -2.44 32.03 9.94
C ASP A 753 -3.34 31.57 11.09
N GLY A 754 -3.86 30.34 11.07
CA GLY A 754 -4.65 29.79 12.19
C GLY A 754 -3.78 29.13 13.25
N LEU A 755 -2.47 29.10 13.01
CA LEU A 755 -1.49 28.57 14.00
C LEU A 755 -0.91 29.73 14.81
N SER A 756 -0.96 29.61 16.12
CA SER A 756 -0.32 30.55 17.06
C SER A 756 0.86 29.83 17.68
N PHE A 757 2.07 30.30 17.38
CA PHE A 757 3.33 29.74 17.90
C PHE A 757 3.92 30.70 18.93
N THR A 758 4.43 30.17 20.05
CA THR A 758 5.30 30.91 20.99
C THR A 758 6.60 30.12 21.10
N ALA A 759 7.74 30.76 20.83
CA ALA A 759 9.07 30.15 20.95
C ALA A 759 9.92 31.00 21.89
N THR A 760 10.57 30.38 22.87
CA THR A 760 11.53 31.09 23.74
C THR A 760 12.86 30.34 23.71
N TYR A 761 13.94 31.09 23.79
CA TYR A 761 15.29 30.54 24.06
C TYR A 761 15.65 30.97 25.48
N THR A 762 16.03 30.02 26.32
CA THR A 762 16.52 30.30 27.70
C THR A 762 17.96 29.79 27.80
N ALA A 763 18.93 30.71 27.79
CA ALA A 763 20.36 30.38 27.97
C ALA A 763 20.56 29.84 29.38
N GLU A 764 21.58 29.01 29.56
CA GLU A 764 22.21 28.84 30.89
C GLU A 764 22.63 30.24 31.36
N GLY A 765 22.01 30.70 32.43
CA GLY A 765 22.30 32.01 33.03
C GLY A 765 21.30 33.06 32.63
N GLY A 766 20.44 32.78 31.64
CA GLY A 766 19.55 33.77 31.01
C GLY A 766 18.09 33.60 31.42
N THR A 767 17.23 34.52 30.99
CA THR A 767 15.75 34.36 31.10
C THR A 767 15.19 34.11 29.70
N ALA A 768 13.92 33.71 29.66
CA ALA A 768 13.19 33.35 28.42
C ALA A 768 13.24 34.55 27.47
N VAL A 769 13.86 34.38 26.30
CA VAL A 769 13.89 35.38 25.20
C VAL A 769 12.89 34.92 24.14
N ASN A 770 11.89 35.74 23.84
CA ASN A 770 10.89 35.41 22.79
C ASN A 770 11.62 35.44 21.43
N LEU A 771 11.41 34.41 20.61
CA LEU A 771 12.03 34.31 19.26
C LEU A 771 10.97 34.52 18.19
N PRO A 772 11.28 35.27 17.12
CA PRO A 772 10.40 35.32 15.96
C PRO A 772 10.27 33.90 15.36
N VAL A 773 9.05 33.53 15.03
CA VAL A 773 8.74 32.20 14.46
C VAL A 773 8.31 32.41 13.00
N THR A 774 8.91 31.66 12.10
CA THR A 774 8.58 31.68 10.67
C THR A 774 8.03 30.30 10.33
N PRO A 775 6.70 30.13 10.29
CA PRO A 775 6.12 28.87 9.83
C PRO A 775 6.14 28.83 8.30
N ASP A 776 6.47 27.68 7.76
CA ASP A 776 6.59 27.48 6.31
C ASP A 776 5.87 26.19 5.91
N MET A 777 4.88 26.32 5.02
CA MET A 777 4.06 25.20 4.53
C MET A 777 4.01 25.27 3.01
N LYS A 778 4.66 24.35 2.31
CA LYS A 778 4.85 24.47 0.84
C LYS A 778 3.49 24.43 0.13
N GLN A 779 2.66 23.47 0.52
CA GLN A 779 1.32 23.25 -0.11
CA GLN A 779 1.33 23.22 -0.10
C GLN A 779 0.21 23.37 0.94
N THR A 780 -0.93 23.88 0.50
CA THR A 780 -2.12 24.05 1.36
C THR A 780 -3.10 22.95 1.01
N TYR A 781 -4.05 22.69 1.89
CA TYR A 781 -5.08 21.65 1.70
C TYR A 781 -6.16 22.09 0.70
N SER A 782 -6.46 21.21 -0.24
CA SER A 782 -7.56 21.39 -1.22
C SER A 782 -8.37 20.11 -1.35
N GLN A 783 -9.69 20.23 -1.40
CA GLN A 783 -10.60 19.14 -1.86
C GLN A 783 -10.49 19.03 -3.39
N GLN A 784 -11.15 18.06 -3.98
CA GLN A 784 -11.15 17.88 -5.46
C GLN A 784 -11.62 19.19 -6.13
N GLN A 785 -11.09 19.43 -7.32
CA GLN A 785 -11.41 20.62 -8.15
C GLN A 785 -11.96 20.15 -9.50
N LEU A 786 -13.09 20.73 -9.90
CA LEU A 786 -13.71 20.51 -11.23
C LEU A 786 -13.46 21.73 -12.11
N LYS A 787 -13.16 21.51 -13.39
CA LYS A 787 -13.06 22.58 -14.40
C LYS A 787 -13.76 22.06 -15.64
N ASN A 788 -14.80 22.77 -16.09
CA ASN A 788 -15.59 22.39 -17.28
C ASN A 788 -16.15 20.99 -17.07
N GLY A 789 -16.63 20.73 -15.85
CA GLY A 789 -17.36 19.50 -15.48
C GLY A 789 -16.45 18.32 -15.19
N ARG A 790 -15.12 18.48 -15.29
CA ARG A 790 -14.15 17.36 -15.25
C ARG A 790 -13.18 17.57 -14.08
N LEU A 791 -12.85 16.47 -13.43
CA LEU A 791 -11.85 16.49 -12.33
C LEU A 791 -10.53 16.99 -12.88
N VAL A 792 -9.96 17.96 -12.18
CA VAL A 792 -8.56 18.43 -12.39
C VAL A 792 -7.65 17.40 -11.75
N VAL A 793 -6.62 16.98 -12.48
CA VAL A 793 -5.60 16.02 -11.96
C VAL A 793 -4.85 16.74 -10.83
N ASN A 794 -4.79 16.09 -9.67
CA ASN A 794 -4.11 16.56 -8.42
C ASN A 794 -4.83 17.77 -7.82
N GLY A 795 -6.11 18.02 -8.13
CA GLY A 795 -6.87 19.10 -7.47
C GLY A 795 -7.02 18.86 -5.97
N ALA A 796 -7.28 17.60 -5.58
CA ALA A 796 -7.36 17.20 -4.16
C ALA A 796 -5.95 16.88 -3.68
N HIS A 797 -5.44 17.65 -2.73
CA HIS A 797 -4.07 17.44 -2.20
C HIS A 797 -4.01 17.90 -0.76
N MET A 798 -3.19 17.22 0.00
CA MET A 798 -3.04 17.46 1.44
C MET A 798 -2.08 18.64 1.61
N ASN A 799 -2.27 19.41 2.68
CA ASN A 799 -1.31 20.46 3.07
C ASN A 799 -0.01 19.76 3.44
N SER A 800 1.08 20.48 3.33
CA SER A 800 2.42 20.02 3.80
C SER A 800 2.46 19.99 5.33
N ILE A 801 3.38 19.21 5.86
CA ILE A 801 3.87 19.43 7.25
C ILE A 801 4.45 20.85 7.31
N VAL A 802 4.14 21.57 8.36
CA VAL A 802 4.68 22.94 8.59
C VAL A 802 6.10 22.82 9.15
N ASP A 803 7.06 23.40 8.44
CA ASP A 803 8.41 23.69 8.97
C ASP A 803 8.31 24.90 9.90
N VAL A 804 8.80 24.73 11.11
CA VAL A 804 8.79 25.77 12.17
C VAL A 804 10.22 26.24 12.34
N TYR A 805 10.49 27.45 11.84
CA TYR A 805 11.79 28.12 11.99
C TYR A 805 11.70 29.09 13.16
N VAL A 806 12.80 29.23 13.89
CA VAL A 806 12.98 30.39 14.81
C VAL A 806 14.20 31.20 14.34
N THR A 807 14.17 32.49 14.61
CA THR A 807 15.36 33.35 14.44
C THR A 807 16.06 33.44 15.78
N LEU A 808 17.29 32.97 15.81
CA LEU A 808 18.15 33.06 17.01
C LEU A 808 18.72 34.47 17.11
N PRO A 809 18.88 35.01 18.34
CA PRO A 809 19.35 36.39 18.50
C PRO A 809 20.79 36.52 17.98
N SER A 810 21.11 37.68 17.41
CA SER A 810 22.44 38.00 16.83
C SER A 810 23.57 37.72 17.82
N ASP A 811 23.39 38.02 19.11
CA ASP A 811 24.51 37.94 20.10
C ASP A 811 24.76 36.47 20.46
N VAL A 812 23.75 35.60 20.39
CA VAL A 812 23.90 34.13 20.63
C VAL A 812 24.68 33.54 19.46
N LEU A 813 24.41 34.03 18.24
CA LEU A 813 25.03 33.53 16.98
C LEU A 813 26.45 34.05 16.82
N ALA A 814 26.82 35.13 17.51
CA ALA A 814 28.16 35.76 17.41
C ALA A 814 29.09 35.23 18.52
N ALA A 815 28.60 34.36 19.41
CA ALA A 815 29.40 33.78 20.53
C ALA A 815 30.56 32.95 19.98
N ASP A 816 31.81 33.37 20.27
CA ASP A 816 33.04 32.63 19.90
C ASP A 816 33.18 31.38 20.77
N SER A 817 32.53 31.40 21.94
CA SER A 817 32.49 30.30 22.94
C SER A 817 31.16 29.53 22.82
N GLU A 818 31.18 28.21 23.07
CA GLU A 818 29.95 27.39 23.00
C GLU A 818 28.93 27.95 24.00
N ALA A 819 27.66 27.99 23.61
CA ALA A 819 26.53 28.41 24.47
C ALA A 819 25.46 27.31 24.44
N VAL A 820 24.93 26.95 25.61
CA VAL A 820 23.84 25.95 25.75
C VAL A 820 22.58 26.67 26.24
N GLY A 821 21.43 26.29 25.71
CA GLY A 821 20.15 26.85 26.12
C GLY A 821 19.01 25.90 25.82
N ARG A 822 17.83 26.21 26.33
CA ARG A 822 16.58 25.44 26.20
C ARG A 822 15.67 26.21 25.24
N LEU A 823 15.17 25.51 24.22
CA LEU A 823 14.25 26.09 23.21
C LEU A 823 12.87 25.50 23.48
N ASP A 824 11.93 26.35 23.92
CA ASP A 824 10.55 25.93 24.24
C ASP A 824 9.63 26.46 23.13
N VAL A 825 8.91 25.55 22.46
CA VAL A 825 7.97 25.93 21.37
C VAL A 825 6.58 25.40 21.73
N SER A 826 5.60 26.29 21.66
CA SER A 826 4.16 25.99 21.85
C SER A 826 3.44 26.26 20.52
N VAL A 827 2.48 25.41 20.16
CA VAL A 827 1.60 25.65 18.98
C VAL A 827 0.14 25.46 19.43
N SER A 828 -0.67 26.42 19.06
CA SER A 828 -2.13 26.41 19.27
C SER A 828 -2.74 26.50 17.86
N SER A 829 -3.74 25.68 17.56
CA SER A 829 -4.34 25.62 16.22
C SER A 829 -5.81 26.03 16.29
N SER A 830 -6.23 26.88 15.37
CA SER A 830 -7.65 27.27 15.20
C SER A 830 -8.49 26.03 14.88
N THR A 831 -7.90 24.96 14.32
CA THR A 831 -8.65 23.82 13.75
C THR A 831 -8.40 22.53 14.56
N TYR A 832 -7.59 22.58 15.62
CA TYR A 832 -7.35 21.44 16.53
C TYR A 832 -7.19 21.98 17.95
N PRO A 833 -8.11 21.66 18.89
CA PRO A 833 -8.21 22.37 20.17
C PRO A 833 -7.20 21.99 21.26
N ILE A 834 -6.32 21.01 21.04
CA ILE A 834 -5.29 20.61 22.05
C ILE A 834 -3.94 21.18 21.61
N PRO A 835 -3.38 22.17 22.34
CA PRO A 835 -2.09 22.76 21.99
C PRO A 835 -0.96 21.77 22.27
N SER A 836 0.15 21.93 21.54
CA SER A 836 1.39 21.14 21.77
C SER A 836 2.43 22.03 22.45
N ASP A 837 3.21 21.46 23.37
CA ASP A 837 4.39 22.09 24.01
C ASP A 837 5.58 21.22 23.67
N SER A 838 6.71 21.83 23.31
CA SER A 838 7.97 21.11 23.00
C SER A 838 9.12 21.82 23.69
N SER A 839 9.98 21.06 24.34
CA SER A 839 11.21 21.56 24.98
C SER A 839 12.39 20.78 24.41
N MET A 840 13.43 21.46 23.96
CA MET A 840 14.72 20.77 23.74
C MET A 840 15.87 21.71 24.10
N SER A 841 17.00 21.10 24.47
CA SER A 841 18.26 21.80 24.73
C SER A 841 19.06 21.85 23.41
N ILE A 842 19.71 22.99 23.18
CA ILE A 842 20.54 23.19 21.96
C ILE A 842 21.91 23.74 22.39
N ALA A 843 22.95 23.28 21.72
CA ALA A 843 24.32 23.83 21.81
C ALA A 843 24.60 24.59 20.53
N ILE A 844 25.14 25.81 20.67
CA ILE A 844 25.47 26.73 19.55
C ILE A 844 26.95 27.12 19.66
N LYS A 845 27.67 27.04 18.55
CA LYS A 845 29.06 27.53 18.49
C LYS A 845 29.32 28.06 17.08
N ASP A 846 29.90 29.26 16.99
CA ASP A 846 30.29 29.94 15.72
C ASP A 846 29.06 30.06 14.82
N GLY A 847 27.91 30.39 15.42
CA GLY A 847 26.64 30.68 14.71
C GLY A 847 25.98 29.44 14.13
N LYS A 848 26.38 28.24 14.56
CA LYS A 848 25.75 26.97 14.10
C LYS A 848 25.30 26.16 15.31
N VAL A 849 24.16 25.46 15.18
CA VAL A 849 23.72 24.48 16.22
C VAL A 849 24.60 23.25 16.05
N THR A 850 25.30 22.82 17.10
CA THR A 850 26.22 21.66 17.08
C THR A 850 25.51 20.41 17.63
N GLN A 851 24.50 20.57 18.48
CA GLN A 851 23.84 19.42 19.15
C GLN A 851 22.48 19.86 19.69
N THR A 852 21.50 18.95 19.66
CA THR A 852 20.22 19.10 20.37
C THR A 852 19.97 17.85 21.19
N TRP A 853 19.20 17.98 22.26
CA TRP A 853 18.75 16.84 23.08
C TRP A 853 17.48 17.21 23.85
N THR A 854 16.66 16.20 24.17
CA THR A 854 15.35 16.38 24.85
C THR A 854 15.38 15.77 26.24
N GLY A 855 16.50 15.14 26.62
CA GLY A 855 16.68 14.57 27.96
C GLY A 855 17.02 15.65 28.96
N ASP A 856 17.14 15.26 30.24
CA ASP A 856 17.58 16.16 31.35
C ASP A 856 19.12 16.21 31.34
N GLU A 857 19.76 15.22 30.72
CA GLU A 857 21.24 15.09 30.63
C GLU A 857 21.71 15.31 29.20
N ARG A 858 22.74 16.14 28.97
CA ARG A 858 23.35 16.28 27.63
C ARG A 858 24.04 14.97 27.26
N PRO A 859 23.68 14.32 26.13
CA PRO A 859 24.34 13.11 25.69
C PRO A 859 25.83 13.35 25.37
N THR A 860 26.66 12.32 25.63
CA THR A 860 28.10 12.30 25.27
C THR A 860 28.44 10.96 24.62
N NO3 B . 7.66 9.24 16.83
O1 NO3 B . 8.10 9.47 17.97
O2 NO3 B . 6.46 9.35 16.60
O3 NO3 B . 8.42 8.93 15.92
C1 B3P C . 18.91 -3.36 -5.91
C2 B3P C . 19.69 -4.02 -6.99
C3 B3P C . 17.71 -4.14 -5.52
N1 B3P C . 17.30 -3.82 -4.15
C4 B3P C . 16.06 -4.46 -3.65
C5 B3P C . 16.12 -5.99 -3.79
C6 B3P C . 14.86 -3.95 -4.47
C7 B3P C . 15.88 -4.08 -2.17
N2 B3P C . 20.67 -3.09 -7.53
C8 B3P C . 21.56 -3.58 -8.61
C9 B3P C . 20.67 -4.16 -9.73
C10 B3P C . 22.54 -4.61 -8.04
C11 B3P C . 22.32 -2.36 -9.15
O1 B3P C . 19.63 -3.25 -10.07
O2 B3P C . 22.51 -5.87 -8.70
O3 B3P C . 22.90 -2.62 -10.42
O4 B3P C . 17.11 -6.54 -2.92
O5 B3P C . 14.82 -2.54 -4.52
O6 B3P C . 14.54 -4.29 -1.72
O03 Q4Z D . -17.11 0.84 -10.70
O02 Q4Z D . -15.27 2.27 -11.06
S02 Q4Z D . -15.75 1.14 -10.34
O01 Q4Z D . -15.54 1.14 -8.91
C1 Q4Z D . -15.50 -3.68 -12.74
C2 Q4Z D . -14.94 -4.03 -14.06
C3 Q4Z D . -13.66 -3.26 -14.33
C4 Q4Z D . -13.86 -1.79 -14.03
C5 Q4Z D . -14.26 -1.59 -12.57
C6 Q4Z D . -14.58 -0.14 -12.28
C7 Q4Z D . -14.47 -5.76 -12.56
C8 Q4Z D . -13.98 -7.03 -11.98
N2 Q4Z D . -14.59 -5.47 -13.91
O1 Q4Z D . -14.88 -4.64 -11.81
O3 Q4Z D . -13.28 -3.41 -15.68
O4 Q4Z D . -12.62 -1.14 -14.23
O5 Q4Z D . -15.43 -2.36 -12.20
O6 Q4Z D . -14.89 -0.07 -10.86
NA NA E . 20.99 14.72 19.67
NA NA F . 5.86 4.73 12.64
#